data_6WDS
#
_entry.id   6WDS
#
_cell.length_a   1.00
_cell.length_b   1.00
_cell.length_c   1.00
_cell.angle_alpha   90.00
_cell.angle_beta   90.00
_cell.angle_gamma   90.00
#
_symmetry.space_group_name_H-M   'P 1'
#
loop_
_entity.id
_entity.type
_entity.pdbx_description
1 polymer 'EV68-159 light chain'
2 polymer 'viral protein 1'
3 polymer 'viral protein 2'
4 polymer 'viral protein 3'
5 polymer 'viral protein 4'
6 polymer 'EV68-159 heavy chain'
#
loop_
_entity_poly.entity_id
_entity_poly.type
_entity_poly.pdbx_seq_one_letter_code
_entity_poly.pdbx_strand_id
1 'polypeptide(L)'
;QSVLTQPPSASGTPGQRVTISCSGSSSNIEYNYVYWYQKFPGTAPKLLIYKNNQRPSGVPDRFSGSKSGTSASLAISGLR
SEDEGDYYCAAWDDILSGVVFGGGTKLTVL
;
L
2 'polypeptide(L)'
;IESIIKTATDTVKSEINAELGVVPSLNAVETGATSNTEPEEAIQTRTVINQHGVSETLVENFLSRAALVSKRSFEYKDHT
SSTARADKNFFKWTINTRSFVQLRRKLELFTYLRFDAEITILTTVAVNGSGNNTYVGLPDLTLQAMFVPTGALTPEKQDS
FHWQSGSNASVFFKISDPPARITIPFMCINSAYSVFYDGFAGFEKNGLYGINPADTIGNLCVRIVNEHQPVGFTVTVRVY
MKPKHIKAWAPRPPRTLPYMSIANANYKGKERAPNALSAIIGNRDSVKTMPHNIVNT
;
A
3 'polypeptide(L)'
;SPSAEACGYSDRVLQLKLGNSAIVTQEAANYCCAYGEWPNYLPDHEAVAIDKPTQPETATDRFYTLKSVKWETGSTGWWW
KLPDALNNIGMFGQNVQHHYLYRSGFLIHVQCNATKFHQGALLVVAIPEHQRGAHNTNTSPGFDDIMKGEEGGTFNHPYV
LDDGTSLACATIFPHQWINLRTNNSATIVLPWMNAAPMDFPLRHNQWTLAIIPVVPLGTRTTSSMVPITVSIAPMCCEFN
GLRHAITQ
;
B
4 'polypeptide(L)'
;GVPTYLLPGSGQFLTTDDHSSAPALPCFNPTPEMHIPGQVRNMLEVVQVESMMEINNTESAVGMERLKVDISALTDVDQL
LFNIPLDIQLDGPLRNTLVGNISRYYTHWSGSLEMTFMFCGSFMAAGKLILCYTPPGGSCPTTRETAMLGTHIVWDFGLQ
SSVTLIIPWISGSHYRMFNNDAKSTNANVGYVTCFMQTNLIVPSESSDTCSLIGFIAAKDDFSLRLMRDSPDIGQLDHLH
AAEAAYQ
;
C
5 'polypeptide(L)' GAQVTRQQTGTHENANIATNGSHITYNQINFYKDSYAASASKQDFSQDPSKFTEPVVEGLKAGAPVLK D
6 'polypeptide(L)'
;EVQLVESGGGLVKPGGLRLSCAASGFTFSTYIMTWVRQAPGRGLEWVSSISTSSVYTFYADSLKGRFTISRDNAKNSVYL
QMNSLRADDTAVYYCAREEGFRAYNLYWGQGTLVTVSS
;
H
#
# COMPACT_ATOMS: atom_id res chain seq x y z
N SER A 2 -26.55 -1.66 -11.03
CA SER A 2 -26.21 -2.42 -9.83
C SER A 2 -27.44 -3.14 -9.28
N VAL A 3 -28.26 -3.66 -10.18
CA VAL A 3 -29.53 -4.30 -9.83
C VAL A 3 -29.61 -5.64 -10.55
N LEU A 4 -30.11 -6.65 -9.85
CA LEU A 4 -30.45 -7.93 -10.47
C LEU A 4 -31.93 -7.93 -10.80
N THR A 5 -32.27 -8.53 -11.96
CA THR A 5 -33.63 -8.51 -12.48
C THR A 5 -34.07 -9.93 -12.77
N GLN A 6 -35.18 -10.34 -12.14
CA GLN A 6 -35.74 -11.66 -12.31
C GLN A 6 -37.16 -11.57 -12.86
N PRO A 7 -37.60 -12.56 -13.64
CA PRO A 7 -39.00 -12.62 -14.05
C PRO A 7 -39.89 -12.89 -12.85
N PRO A 8 -41.02 -12.19 -12.74
CA PRO A 8 -41.86 -12.36 -11.54
C PRO A 8 -42.44 -13.76 -11.41
N SER A 9 -42.75 -14.42 -12.52
CA SER A 9 -43.45 -15.69 -12.47
C SER A 9 -42.81 -16.69 -13.43
N ALA A 10 -42.73 -17.95 -13.00
CA ALA A 10 -42.24 -19.06 -13.81
C ALA A 10 -43.24 -20.20 -13.71
N SER A 11 -44.26 -20.16 -14.56
CA SER A 11 -45.34 -21.13 -14.53
C SER A 11 -44.90 -22.43 -15.21
N GLY A 12 -45.85 -23.31 -15.50
CA GLY A 12 -45.51 -24.53 -16.19
C GLY A 12 -45.10 -25.67 -15.28
N THR A 13 -46.02 -26.11 -14.42
CA THR A 13 -45.72 -27.13 -13.43
C THR A 13 -46.46 -28.45 -13.63
N PRO A 14 -46.40 -29.10 -14.79
CA PRO A 14 -46.88 -30.48 -14.89
C PRO A 14 -45.78 -31.53 -14.79
N GLY A 15 -44.52 -31.12 -14.79
CA GLY A 15 -43.41 -32.05 -14.91
C GLY A 15 -42.43 -31.64 -16.00
N GLN A 16 -42.51 -30.38 -16.42
CA GLN A 16 -41.66 -29.84 -17.46
C GLN A 16 -40.28 -29.52 -16.88
N ARG A 17 -39.49 -28.75 -17.63
CA ARG A 17 -38.24 -28.18 -17.14
C ARG A 17 -38.32 -26.67 -17.31
N VAL A 18 -38.49 -25.95 -16.21
CA VAL A 18 -38.63 -24.50 -16.25
C VAL A 18 -37.24 -23.87 -16.15
N THR A 19 -37.15 -22.61 -16.58
CA THR A 19 -35.92 -21.85 -16.54
C THR A 19 -36.18 -20.52 -15.86
N ILE A 20 -35.44 -20.25 -14.79
CA ILE A 20 -35.49 -18.99 -14.08
C ILE A 20 -34.24 -18.19 -14.45
N SER A 21 -34.42 -16.91 -14.74
CA SER A 21 -33.36 -16.10 -15.29
C SER A 21 -33.01 -14.96 -14.34
N CYS A 22 -31.81 -14.43 -14.52
CA CYS A 22 -31.27 -13.37 -13.67
C CYS A 22 -30.49 -12.41 -14.56
N SER A 23 -30.87 -11.14 -14.53
CA SER A 23 -30.25 -10.11 -15.36
C SER A 23 -29.41 -9.19 -14.50
N GLY A 24 -28.12 -9.11 -14.80
CA GLY A 24 -27.23 -8.24 -14.06
C GLY A 24 -26.38 -7.35 -14.94
N SER A 25 -25.33 -6.77 -14.37
CA SER A 25 -24.43 -5.91 -15.12
C SER A 25 -22.98 -6.23 -14.78
N SER A 26 -22.05 -5.41 -15.28
CA SER A 26 -20.64 -5.60 -14.97
C SER A 26 -20.34 -5.40 -13.49
N SER A 27 -21.25 -4.77 -12.76
CA SER A 27 -21.06 -4.54 -11.34
C SER A 27 -21.18 -5.84 -10.55
N ASN A 28 -22.16 -6.68 -10.89
CA ASN A 28 -22.47 -7.84 -10.06
C ASN A 28 -22.25 -9.17 -10.77
N ILE A 29 -22.91 -9.43 -11.89
CA ILE A 29 -22.90 -10.79 -12.43
C ILE A 29 -21.70 -11.06 -13.34
N GLU A 30 -21.22 -10.06 -14.07
CA GLU A 30 -20.22 -10.32 -15.10
C GLU A 30 -18.95 -10.95 -14.51
N TYR A 31 -18.53 -10.49 -13.34
CA TYR A 31 -17.27 -10.94 -12.77
C TYR A 31 -17.41 -11.62 -11.41
N ASN A 32 -18.60 -11.68 -10.84
CA ASN A 32 -18.81 -12.33 -9.55
C ASN A 32 -19.69 -13.56 -9.72
N TYR A 33 -19.59 -14.48 -8.75
CA TYR A 33 -20.35 -15.75 -8.77
C TYR A 33 -21.83 -15.47 -8.45
N VAL A 34 -22.71 -16.21 -9.10
CA VAL A 34 -24.17 -16.12 -8.93
C VAL A 34 -24.62 -17.29 -8.07
N TYR A 35 -25.43 -16.99 -7.06
CA TYR A 35 -25.94 -17.98 -6.13
C TYR A 35 -27.45 -18.03 -6.21
N TRP A 36 -28.02 -19.23 -6.12
CA TRP A 36 -29.46 -19.43 -6.23
C TRP A 36 -29.99 -20.00 -4.93
N TYR A 37 -30.97 -19.32 -4.35
CA TYR A 37 -31.64 -19.75 -3.13
C TYR A 37 -33.10 -19.99 -3.43
N GLN A 38 -33.67 -21.01 -2.79
CA GLN A 38 -35.12 -21.15 -2.75
C GLN A 38 -35.62 -20.69 -1.39
N LYS A 39 -36.87 -20.26 -1.36
CA LYS A 39 -37.45 -19.68 -0.16
C LYS A 39 -38.90 -20.09 -0.06
N PHE A 40 -39.29 -20.60 1.10
CA PHE A 40 -40.67 -20.94 1.38
C PHE A 40 -41.22 -20.01 2.46
N PRO A 41 -42.54 -19.79 2.48
CA PRO A 41 -43.08 -18.73 3.35
C PRO A 41 -42.80 -18.89 4.84
N GLY A 42 -42.19 -19.99 5.27
CA GLY A 42 -41.91 -20.14 6.68
C GLY A 42 -40.58 -20.78 7.02
N THR A 43 -39.70 -20.90 6.04
CA THR A 43 -38.41 -21.55 6.23
C THR A 43 -37.31 -20.58 5.81
N ALA A 44 -36.16 -20.73 6.44
CA ALA A 44 -35.00 -19.93 6.05
C ALA A 44 -34.64 -20.23 4.61
N PRO A 45 -34.02 -19.28 3.90
CA PRO A 45 -33.63 -19.52 2.51
C PRO A 45 -32.69 -20.71 2.39
N LYS A 46 -32.80 -21.42 1.28
CA LYS A 46 -32.07 -22.67 1.07
C LYS A 46 -31.23 -22.56 -0.19
N LEU A 47 -29.92 -22.60 -0.02
CA LEU A 47 -29.00 -22.50 -1.15
C LEU A 47 -29.14 -23.71 -2.07
N LEU A 48 -29.29 -23.46 -3.36
CA LEU A 48 -29.38 -24.50 -4.37
C LEU A 48 -28.20 -24.55 -5.30
N ILE A 49 -27.68 -23.40 -5.71
CA ILE A 49 -26.55 -23.31 -6.63
C ILE A 49 -25.59 -22.25 -6.12
N TYR A 50 -24.30 -22.55 -6.16
CA TYR A 50 -23.27 -21.59 -5.78
C TYR A 50 -22.14 -21.63 -6.80
N LYS A 51 -21.54 -20.46 -7.04
CA LYS A 51 -20.44 -20.32 -7.98
C LYS A 51 -20.87 -20.70 -9.39
N ASN A 52 -22.11 -20.38 -9.71
CA ASN A 52 -22.76 -20.44 -11.01
C ASN A 52 -23.14 -21.84 -11.50
N ASN A 53 -22.58 -22.90 -10.91
CA ASN A 53 -23.00 -24.22 -11.36
C ASN A 53 -23.03 -25.27 -10.27
N GLN A 54 -22.39 -25.00 -9.13
CA GLN A 54 -22.16 -26.05 -8.16
C GLN A 54 -23.35 -26.21 -7.23
N ARG A 55 -23.65 -27.46 -6.88
CA ARG A 55 -24.72 -27.80 -5.97
C ARG A 55 -24.15 -28.17 -4.60
N PRO A 56 -24.80 -27.77 -3.52
CA PRO A 56 -24.37 -28.23 -2.20
C PRO A 56 -24.66 -29.70 -2.01
N SER A 57 -24.20 -30.23 -0.88
CA SER A 57 -24.49 -31.62 -0.54
C SER A 57 -25.86 -31.72 0.10
N GLY A 58 -26.77 -32.43 -0.57
CA GLY A 58 -28.15 -32.51 -0.16
C GLY A 58 -29.12 -32.06 -1.22
N VAL A 59 -28.65 -31.36 -2.25
CA VAL A 59 -29.49 -30.92 -3.36
C VAL A 59 -29.48 -32.01 -4.42
N PRO A 60 -30.63 -32.40 -4.98
CA PRO A 60 -30.64 -33.46 -5.99
C PRO A 60 -29.96 -33.02 -7.28
N ASP A 61 -29.79 -33.98 -8.18
CA ASP A 61 -29.16 -33.74 -9.46
C ASP A 61 -29.91 -32.71 -10.30
N ARG A 62 -31.11 -32.32 -9.89
CA ARG A 62 -31.85 -31.25 -10.52
C ARG A 62 -31.18 -29.91 -10.18
N PHE A 63 -31.82 -28.81 -10.58
CA PHE A 63 -31.31 -27.46 -10.31
C PHE A 63 -29.90 -27.29 -10.90
N SER A 64 -29.85 -27.28 -12.23
CA SER A 64 -28.54 -27.23 -12.91
C SER A 64 -27.83 -25.91 -12.64
N GLY A 65 -28.38 -24.80 -13.12
CA GLY A 65 -27.74 -23.51 -12.93
C GLY A 65 -26.58 -23.27 -13.86
N SER A 66 -26.45 -22.07 -14.41
CA SER A 66 -25.39 -21.75 -15.36
C SER A 66 -25.33 -20.24 -15.54
N LYS A 67 -24.30 -19.79 -16.23
CA LYS A 67 -24.10 -18.37 -16.50
C LYS A 67 -23.35 -18.20 -17.81
N SER A 68 -23.74 -17.19 -18.58
CA SER A 68 -23.10 -16.89 -19.87
C SER A 68 -22.75 -15.41 -19.91
N GLY A 69 -21.61 -15.05 -19.30
CA GLY A 69 -21.18 -13.67 -19.26
C GLY A 69 -22.06 -12.84 -18.33
N THR A 70 -23.34 -12.81 -18.66
CA THR A 70 -24.39 -12.29 -17.80
C THR A 70 -25.58 -13.23 -18.00
N SER A 71 -26.77 -12.86 -17.52
CA SER A 71 -27.98 -13.64 -17.72
C SER A 71 -27.83 -15.05 -17.14
N ALA A 72 -27.66 -15.12 -15.83
CA ALA A 72 -27.61 -16.39 -15.14
C ALA A 72 -28.96 -17.10 -15.26
N SER A 73 -28.93 -18.42 -15.36
CA SER A 73 -30.14 -19.21 -15.53
C SER A 73 -30.16 -20.38 -14.57
N LEU A 74 -31.30 -20.59 -13.93
CA LEU A 74 -31.55 -21.76 -13.11
C LEU A 74 -32.57 -22.65 -13.82
N ALA A 75 -32.24 -23.93 -13.94
CA ALA A 75 -33.10 -24.90 -14.63
C ALA A 75 -33.50 -25.99 -13.65
N ILE A 76 -34.80 -26.15 -13.44
CA ILE A 76 -35.36 -27.18 -12.57
C ILE A 76 -36.04 -28.22 -13.45
N SER A 77 -35.89 -29.49 -13.10
CA SER A 77 -36.43 -30.60 -13.87
C SER A 77 -37.36 -31.43 -13.00
N GLY A 78 -38.66 -31.28 -13.22
CA GLY A 78 -39.63 -32.10 -12.50
C GLY A 78 -40.86 -31.36 -12.01
N LEU A 79 -40.69 -30.11 -11.61
CA LEU A 79 -41.79 -29.22 -11.24
C LEU A 79 -42.78 -29.90 -10.29
N ARG A 80 -42.23 -30.51 -9.24
CA ARG A 80 -43.01 -31.35 -8.34
C ARG A 80 -43.83 -30.50 -7.38
N SER A 81 -44.50 -31.16 -6.43
CA SER A 81 -45.31 -30.46 -5.45
C SER A 81 -44.45 -29.64 -4.49
N GLU A 82 -43.28 -30.18 -4.15
CA GLU A 82 -42.36 -29.49 -3.21
C GLU A 82 -41.63 -28.34 -3.92
N ASP A 83 -41.50 -28.43 -5.24
CA ASP A 83 -40.74 -27.42 -5.98
C ASP A 83 -41.40 -26.05 -5.94
N GLU A 84 -42.69 -25.97 -5.58
CA GLU A 84 -43.39 -24.70 -5.53
C GLU A 84 -42.77 -23.81 -4.46
N GLY A 85 -42.18 -22.70 -4.89
CA GLY A 85 -41.52 -21.81 -3.97
C GLY A 85 -41.27 -20.46 -4.59
N ASP A 86 -40.29 -19.75 -4.02
CA ASP A 86 -39.93 -18.40 -4.44
C ASP A 86 -38.41 -18.35 -4.57
N TYR A 87 -37.91 -18.31 -5.79
CA TYR A 87 -36.49 -18.44 -6.07
C TYR A 87 -35.84 -17.07 -6.22
N TYR A 88 -34.63 -16.94 -5.68
CA TYR A 88 -33.89 -15.67 -5.67
C TYR A 88 -32.51 -15.86 -6.26
N CYS A 89 -32.10 -14.90 -7.06
CA CYS A 89 -30.75 -14.84 -7.61
C CYS A 89 -29.94 -13.82 -6.82
N ALA A 90 -28.87 -14.28 -6.18
CA ALA A 90 -28.03 -13.43 -5.36
C ALA A 90 -26.63 -13.35 -5.93
N ALA A 91 -25.96 -12.23 -5.65
CA ALA A 91 -24.60 -11.99 -6.08
C ALA A 91 -24.10 -10.75 -5.38
N TRP A 92 -22.78 -10.65 -5.24
CA TRP A 92 -22.16 -9.51 -4.62
C TRP A 92 -21.91 -8.43 -5.66
N ASP A 93 -22.14 -7.18 -5.27
CA ASP A 93 -22.02 -6.03 -6.17
C ASP A 93 -20.84 -5.17 -5.74
N ASP A 94 -19.96 -4.86 -6.70
CA ASP A 94 -18.75 -4.11 -6.36
C ASP A 94 -19.00 -2.61 -6.28
N ILE A 95 -19.95 -2.09 -7.06
CA ILE A 95 -20.30 -0.69 -6.95
C ILE A 95 -21.01 -0.42 -5.64
N LEU A 96 -22.07 -1.17 -5.36
CA LEU A 96 -22.80 -1.00 -4.11
C LEU A 96 -22.01 -1.47 -2.90
N SER A 97 -21.00 -2.32 -3.10
CA SER A 97 -20.27 -2.96 -2.00
C SER A 97 -21.23 -3.68 -1.05
N GLY A 98 -22.07 -4.54 -1.65
CA GLY A 98 -23.05 -5.28 -0.89
C GLY A 98 -23.61 -6.40 -1.75
N VAL A 99 -24.56 -7.13 -1.18
CA VAL A 99 -25.22 -8.25 -1.84
C VAL A 99 -26.56 -7.79 -2.36
N VAL A 100 -26.93 -8.30 -3.54
CA VAL A 100 -28.20 -7.96 -4.19
C VAL A 100 -28.93 -9.25 -4.54
N PHE A 101 -30.23 -9.27 -4.30
CA PHE A 101 -31.12 -10.35 -4.69
C PHE A 101 -32.03 -9.88 -5.82
N GLY A 102 -32.58 -10.84 -6.56
CA GLY A 102 -33.52 -10.49 -7.61
C GLY A 102 -35.00 -10.56 -7.26
N GLY A 103 -35.46 -11.75 -6.85
CA GLY A 103 -36.86 -11.94 -6.48
C GLY A 103 -37.76 -12.48 -7.58
N GLY A 104 -38.14 -13.75 -7.51
CA GLY A 104 -39.08 -14.29 -8.48
C GLY A 104 -39.77 -15.58 -8.04
N THR A 105 -41.10 -15.59 -8.04
CA THR A 105 -41.86 -16.73 -7.54
C THR A 105 -42.23 -17.68 -8.68
N LYS A 106 -42.07 -18.97 -8.44
CA LYS A 106 -42.30 -19.99 -9.45
C LYS A 106 -43.60 -20.71 -9.14
N LEU A 107 -44.47 -20.82 -10.14
CA LEU A 107 -45.75 -21.49 -9.98
C LEU A 107 -45.76 -22.86 -10.64
N GLU B 2 29.29 1.65 6.07
CA GLU B 2 29.30 1.47 4.62
C GLU B 2 30.26 0.37 4.21
N SER B 3 30.18 0.00 2.93
CA SER B 3 31.00 -1.04 2.34
C SER B 3 30.74 -1.02 0.84
N ILE B 4 31.76 -1.36 0.06
CA ILE B 4 31.62 -1.44 -1.38
C ILE B 4 31.18 -2.86 -1.75
N ILE B 5 29.99 -2.97 -2.33
CA ILE B 5 29.47 -4.24 -2.83
C ILE B 5 29.26 -4.10 -4.32
N LYS B 6 30.07 -4.82 -5.11
CA LYS B 6 29.96 -4.81 -6.56
C LYS B 6 29.29 -6.06 -7.11
N THR B 7 29.53 -7.22 -6.50
CA THR B 7 28.83 -8.44 -6.85
C THR B 7 28.04 -8.94 -5.64
N ALA B 8 27.15 -9.90 -5.90
CA ALA B 8 26.44 -10.54 -4.81
C ALA B 8 27.40 -11.41 -3.99
N THR B 9 26.97 -11.75 -2.79
CA THR B 9 27.85 -12.38 -1.82
C THR B 9 27.92 -13.89 -2.01
N ASP B 10 29.08 -14.45 -1.70
CA ASP B 10 29.33 -15.87 -1.88
C ASP B 10 28.73 -16.68 -0.74
N THR B 11 28.47 -17.95 -1.02
CA THR B 11 27.97 -18.90 -0.04
C THR B 11 29.11 -19.82 0.40
N VAL B 12 29.05 -20.24 1.65
CA VAL B 12 30.10 -21.06 2.26
C VAL B 12 29.55 -22.45 2.54
N LYS B 13 30.45 -23.42 2.52
CA LYS B 13 30.09 -24.80 2.85
C LYS B 13 29.61 -24.89 4.29
N SER B 14 28.64 -25.77 4.54
CA SER B 14 27.99 -25.89 5.83
C SER B 14 27.92 -27.37 6.21
N GLU B 15 27.81 -27.62 7.53
CA GLU B 15 27.86 -28.97 8.07
C GLU B 15 26.64 -29.23 8.96
N ILE B 16 26.59 -30.43 9.52
CA ILE B 16 25.56 -30.78 10.49
C ILE B 16 25.73 -29.94 11.75
N ASN B 17 24.62 -29.47 12.31
CA ASN B 17 24.62 -28.69 13.54
C ASN B 17 23.78 -29.37 14.60
N ALA B 18 24.39 -29.63 15.75
CA ALA B 18 23.71 -30.11 16.95
C ALA B 18 23.82 -29.06 18.05
N GLU B 19 23.62 -27.81 17.68
CA GLU B 19 23.90 -26.67 18.54
C GLU B 19 22.88 -26.54 19.67
N LEU B 20 23.38 -26.55 20.90
CA LEU B 20 22.56 -26.39 22.09
C LEU B 20 22.76 -24.97 22.61
N GLY B 21 21.66 -24.24 22.77
CA GLY B 21 21.70 -22.85 23.16
C GLY B 21 21.71 -21.87 22.01
N VAL B 22 22.00 -22.32 20.80
CA VAL B 22 22.06 -21.46 19.61
C VAL B 22 20.83 -21.72 18.77
N VAL B 23 20.17 -20.66 18.33
CA VAL B 23 19.00 -20.75 17.46
C VAL B 23 19.12 -19.69 16.37
N PRO B 24 19.75 -20.01 15.23
CA PRO B 24 19.88 -19.01 14.17
C PRO B 24 18.55 -18.68 13.50
N SER B 25 17.62 -19.64 13.41
CA SER B 25 16.36 -19.40 12.72
C SER B 25 15.32 -18.76 13.61
N LEU B 26 15.49 -18.78 14.91
CA LEU B 26 14.59 -18.08 15.81
C LEU B 26 14.95 -16.60 15.86
N ASN B 27 13.96 -15.73 15.64
CA ASN B 27 14.21 -14.31 15.47
C ASN B 27 13.14 -13.52 16.23
N ALA B 28 13.20 -12.19 16.10
CA ALA B 28 12.30 -11.29 16.80
C ALA B 28 11.90 -10.17 15.84
N VAL B 29 10.77 -10.36 15.15
CA VAL B 29 10.23 -9.31 14.30
C VAL B 29 9.78 -8.10 15.11
N GLU B 30 9.53 -8.29 16.41
CA GLU B 30 9.01 -7.22 17.24
C GLU B 30 10.05 -6.15 17.54
N THR B 31 11.33 -6.43 17.33
CA THR B 31 12.36 -5.44 17.52
C THR B 31 12.47 -4.46 16.35
N GLY B 32 11.86 -4.78 15.22
CA GLY B 32 12.00 -3.98 14.04
C GLY B 32 13.16 -4.37 13.15
N ALA B 33 13.90 -5.41 13.51
CA ALA B 33 15.06 -5.85 12.75
C ALA B 33 14.70 -7.01 11.84
N THR B 34 15.18 -6.95 10.61
CA THR B 34 15.04 -8.06 9.68
C THR B 34 15.93 -9.22 10.13
N SER B 35 15.39 -10.43 10.01
CA SER B 35 16.08 -11.59 10.54
C SER B 35 17.44 -11.78 9.90
N ASN B 36 18.44 -12.06 10.72
CA ASN B 36 19.81 -12.26 10.25
C ASN B 36 20.15 -13.74 10.12
N THR B 37 19.18 -14.57 9.76
CA THR B 37 19.42 -15.97 9.50
C THR B 37 20.17 -16.13 8.18
N GLU B 38 21.29 -16.80 8.23
CA GLU B 38 22.01 -17.03 6.99
C GLU B 38 21.62 -18.37 6.39
N PRO B 39 21.66 -18.49 5.05
CA PRO B 39 21.39 -19.80 4.43
C PRO B 39 22.34 -20.89 4.88
N GLU B 40 23.55 -20.54 5.32
CA GLU B 40 24.48 -21.53 5.84
C GLU B 40 24.06 -22.06 7.21
N GLU B 41 23.09 -21.40 7.86
CA GLU B 41 22.64 -21.80 9.18
C GLU B 41 21.28 -22.47 9.18
N ALA B 42 20.59 -22.47 8.04
CA ALA B 42 19.26 -23.08 7.93
C ALA B 42 19.27 -24.39 7.16
N ILE B 43 20.19 -24.56 6.21
CA ILE B 43 20.38 -25.79 5.48
C ILE B 43 21.87 -26.04 5.37
N GLN B 44 22.22 -27.21 4.84
CA GLN B 44 23.60 -27.51 4.50
C GLN B 44 23.88 -26.98 3.11
N THR B 45 24.81 -26.03 3.01
CA THR B 45 25.13 -25.39 1.75
C THR B 45 26.43 -25.92 1.18
N ARG B 46 26.70 -25.53 -0.05
CA ARG B 46 27.97 -25.77 -0.71
C ARG B 46 28.69 -24.43 -0.90
N THR B 47 29.96 -24.48 -1.26
CA THR B 47 30.71 -23.26 -1.53
C THR B 47 30.34 -22.76 -2.92
N VAL B 48 29.70 -21.60 -2.98
CA VAL B 48 29.31 -20.96 -4.23
C VAL B 48 30.00 -19.62 -4.30
N ILE B 49 30.74 -19.39 -5.39
CA ILE B 49 31.38 -18.11 -5.64
C ILE B 49 30.46 -17.33 -6.57
N ASN B 50 29.75 -16.35 -6.02
CA ASN B 50 28.73 -15.62 -6.74
C ASN B 50 29.35 -14.46 -7.51
N GLN B 51 29.05 -14.39 -8.81
CA GLN B 51 29.60 -13.36 -9.68
C GLN B 51 28.52 -12.46 -10.27
N HIS B 52 27.36 -12.37 -9.63
CA HIS B 52 26.29 -11.52 -10.16
C HIS B 52 26.48 -10.09 -9.68
N GLY B 53 26.48 -9.16 -10.62
CA GLY B 53 26.67 -7.76 -10.29
C GLY B 53 25.45 -7.15 -9.64
N VAL B 54 25.62 -5.92 -9.18
CA VAL B 54 24.58 -5.18 -8.50
C VAL B 54 24.45 -3.80 -9.15
N SER B 55 24.91 -3.69 -10.39
CA SER B 55 24.99 -2.38 -11.04
C SER B 55 23.61 -1.87 -11.44
N GLU B 56 22.75 -2.75 -11.92
CA GLU B 56 21.50 -2.33 -12.53
C GLU B 56 20.46 -1.90 -11.51
N THR B 57 20.71 -2.12 -10.22
CA THR B 57 19.80 -1.69 -9.17
C THR B 57 20.27 -0.42 -8.46
N LEU B 58 21.45 0.08 -8.79
CA LEU B 58 21.87 1.38 -8.29
C LEU B 58 20.80 2.42 -8.60
N VAL B 59 20.50 3.28 -7.64
CA VAL B 59 19.44 4.27 -7.83
C VAL B 59 19.77 5.20 -8.98
N GLU B 60 21.05 5.36 -9.31
CA GLU B 60 21.42 6.12 -10.49
C GLU B 60 20.95 5.40 -11.75
N ASN B 61 21.15 4.09 -11.82
CA ASN B 61 20.63 3.34 -12.96
C ASN B 61 19.11 3.24 -12.90
N PHE B 62 18.56 3.04 -11.70
CA PHE B 62 17.14 2.81 -11.55
C PHE B 62 16.32 4.04 -11.88
N LEU B 63 16.88 5.24 -11.68
CA LEU B 63 16.11 6.47 -11.88
C LEU B 63 16.55 7.28 -13.09
N SER B 64 17.78 7.14 -13.57
CA SER B 64 18.29 7.97 -14.66
C SER B 64 17.86 7.35 -15.99
N ARG B 65 16.62 7.65 -16.38
CA ARG B 65 16.04 7.20 -17.63
C ARG B 65 15.06 8.25 -18.11
N ALA B 66 15.20 8.66 -19.36
CA ALA B 66 14.34 9.70 -19.92
C ALA B 66 12.90 9.21 -19.97
N ALA B 67 12.01 9.94 -19.30
CA ALA B 67 10.61 9.55 -19.20
C ALA B 67 9.73 10.72 -19.61
N LEU B 68 8.59 10.41 -20.21
CA LEU B 68 7.66 11.44 -20.65
C LEU B 68 7.04 12.13 -19.45
N VAL B 69 7.31 13.42 -19.32
CA VAL B 69 6.68 14.23 -18.28
C VAL B 69 5.58 15.13 -18.82
N SER B 70 5.65 15.52 -20.08
CA SER B 70 4.67 16.42 -20.67
C SER B 70 4.41 16.03 -22.11
N LYS B 71 3.15 16.10 -22.52
CA LYS B 71 2.77 15.86 -23.90
C LYS B 71 1.58 16.76 -24.20
N ARG B 72 1.82 17.82 -24.98
CA ARG B 72 0.81 18.82 -25.26
C ARG B 72 0.71 19.04 -26.76
N SER B 73 -0.50 18.92 -27.29
CA SER B 73 -0.77 19.23 -28.68
C SER B 73 -1.48 20.58 -28.79
N PHE B 74 -1.19 21.32 -29.84
CA PHE B 74 -1.87 22.57 -30.09
C PHE B 74 -1.92 22.80 -31.60
N GLU B 75 -2.67 23.81 -31.99
CA GLU B 75 -2.95 24.11 -33.39
C GLU B 75 -2.09 25.26 -33.88
N TYR B 76 -1.46 25.06 -35.03
CA TYR B 76 -0.63 26.09 -35.66
C TYR B 76 -1.44 26.66 -36.81
N LYS B 77 -2.21 27.70 -36.52
CA LYS B 77 -3.09 28.29 -37.52
C LYS B 77 -3.25 29.77 -37.21
N ASP B 78 -4.23 30.40 -37.86
CA ASP B 78 -4.58 31.79 -37.61
C ASP B 78 -5.73 31.82 -36.62
N HIS B 79 -5.50 32.41 -35.45
CA HIS B 79 -6.42 32.35 -34.32
C HIS B 79 -7.20 33.65 -34.14
N THR B 80 -7.51 34.35 -35.23
CA THR B 80 -8.27 35.60 -35.12
C THR B 80 -9.65 35.37 -34.53
N SER B 81 -10.39 34.40 -35.07
CA SER B 81 -11.71 34.07 -34.58
C SER B 81 -11.72 32.82 -33.70
N SER B 82 -10.55 32.33 -33.29
CA SER B 82 -10.44 31.13 -32.46
C SER B 82 -10.44 31.53 -30.98
N THR B 83 -11.60 31.99 -30.53
CA THR B 83 -11.76 32.46 -29.16
C THR B 83 -12.07 31.27 -28.26
N ALA B 84 -11.16 30.97 -27.34
CA ALA B 84 -11.35 29.95 -26.31
C ALA B 84 -10.20 30.09 -25.31
N ARG B 85 -10.09 29.12 -24.40
CA ARG B 85 -8.87 28.93 -23.63
C ARG B 85 -7.81 28.19 -24.43
N ALA B 86 -8.05 27.99 -25.72
CA ALA B 86 -7.17 27.19 -26.56
C ALA B 86 -5.76 27.78 -26.57
N ASP B 87 -4.78 26.91 -26.82
CA ASP B 87 -3.40 27.33 -27.01
C ASP B 87 -3.28 27.90 -28.42
N LYS B 88 -3.14 29.22 -28.53
CA LYS B 88 -3.18 29.85 -29.84
C LYS B 88 -2.03 29.35 -30.72
N ASN B 89 -0.81 29.75 -30.40
CA ASN B 89 0.35 29.25 -31.11
C ASN B 89 1.50 29.01 -30.15
N PHE B 90 1.15 28.70 -28.91
CA PHE B 90 2.09 28.56 -27.82
C PHE B 90 1.34 27.97 -26.65
N PHE B 91 2.10 27.44 -25.69
CA PHE B 91 1.50 26.98 -24.45
C PHE B 91 2.48 27.23 -23.32
N LYS B 92 1.94 27.31 -22.11
CA LYS B 92 2.70 27.37 -20.88
C LYS B 92 2.53 26.05 -20.15
N TRP B 93 3.59 25.55 -19.56
CA TRP B 93 3.53 24.33 -18.77
C TRP B 93 4.31 24.52 -17.49
N THR B 94 3.67 24.22 -16.36
CA THR B 94 4.35 24.23 -15.05
C THR B 94 5.01 22.87 -14.87
N ILE B 95 6.35 22.88 -14.81
CA ILE B 95 7.12 21.64 -14.82
C ILE B 95 6.80 20.83 -13.57
N ASN B 96 6.32 19.61 -13.79
CA ASN B 96 6.08 18.67 -12.70
C ASN B 96 6.34 17.26 -13.21
N THR B 97 6.54 16.34 -12.27
CA THR B 97 6.75 14.93 -12.57
C THR B 97 5.61 14.06 -12.04
N ARG B 98 4.39 14.58 -12.09
CA ARG B 98 3.24 13.91 -11.50
C ARG B 98 2.12 13.65 -12.49
N SER B 99 2.29 14.02 -13.76
CA SER B 99 1.23 13.88 -14.73
C SER B 99 1.20 12.51 -15.39
N PHE B 100 2.35 11.84 -15.47
CA PHE B 100 2.44 10.50 -16.02
C PHE B 100 2.91 9.55 -14.93
N VAL B 101 2.25 8.40 -14.84
CA VAL B 101 2.29 7.61 -13.61
C VAL B 101 3.51 6.71 -13.49
N GLN B 102 4.17 6.36 -14.59
CA GLN B 102 5.36 5.53 -14.49
C GLN B 102 6.48 6.25 -13.76
N LEU B 103 6.86 7.43 -14.26
CA LEU B 103 7.89 8.21 -13.60
C LEU B 103 7.42 8.69 -12.23
N ARG B 104 6.14 9.02 -12.09
CA ARG B 104 5.63 9.43 -10.79
C ARG B 104 5.82 8.33 -9.74
N ARG B 105 5.39 7.12 -10.06
CA ARG B 105 5.50 6.03 -9.10
C ARG B 105 6.96 5.67 -8.85
N LYS B 106 7.81 5.75 -9.88
CA LYS B 106 9.21 5.43 -9.68
C LYS B 106 9.91 6.48 -8.82
N LEU B 107 9.55 7.74 -8.97
CA LEU B 107 10.14 8.81 -8.17
C LEU B 107 9.60 8.84 -6.75
N GLU B 108 8.34 8.44 -6.55
CA GLU B 108 7.72 8.47 -5.24
C GLU B 108 8.12 7.30 -4.36
N LEU B 109 9.16 6.57 -4.73
CA LEU B 109 9.71 5.54 -3.87
C LEU B 109 10.67 6.10 -2.84
N PHE B 110 10.85 7.41 -2.79
CA PHE B 110 11.75 8.06 -1.87
C PHE B 110 11.09 9.31 -1.31
N THR B 111 11.56 9.73 -0.14
CA THR B 111 11.01 10.93 0.48
C THR B 111 11.69 12.18 -0.06
N TYR B 112 13.01 12.13 -0.24
CA TYR B 112 13.78 13.25 -0.76
C TYR B 112 14.64 12.77 -1.91
N LEU B 113 14.81 13.64 -2.91
CA LEU B 113 15.60 13.34 -4.09
C LEU B 113 16.34 14.59 -4.52
N ARG B 114 17.64 14.47 -4.73
CA ARG B 114 18.47 15.56 -5.25
C ARG B 114 19.06 15.10 -6.57
N PHE B 115 18.62 15.70 -7.67
CA PHE B 115 19.11 15.33 -8.98
C PHE B 115 19.14 16.55 -9.89
N ASP B 116 19.88 16.42 -10.99
CA ASP B 116 19.83 17.36 -12.10
C ASP B 116 18.93 16.80 -13.18
N ALA B 117 18.12 17.66 -13.78
CA ALA B 117 17.15 17.25 -14.78
C ALA B 117 17.71 17.49 -16.18
N GLU B 118 17.59 16.49 -17.03
CA GLU B 118 17.97 16.58 -18.43
C GLU B 118 16.68 16.58 -19.24
N ILE B 119 16.34 17.71 -19.83
CA ILE B 119 15.06 17.91 -20.50
C ILE B 119 15.26 17.78 -22.00
N THR B 120 14.48 16.89 -22.63
CA THR B 120 14.51 16.67 -24.06
C THR B 120 13.14 16.98 -24.63
N ILE B 121 13.10 17.81 -25.68
CA ILE B 121 11.84 18.21 -26.31
C ILE B 121 11.78 17.60 -27.71
N LEU B 122 10.66 16.94 -28.00
CA LEU B 122 10.46 16.25 -29.27
C LEU B 122 9.14 16.72 -29.86
N THR B 123 9.21 17.35 -31.03
CA THR B 123 8.05 17.98 -31.66
C THR B 123 7.71 17.27 -32.97
N THR B 124 6.43 16.92 -33.13
CA THR B 124 5.91 16.38 -34.38
C THR B 124 4.76 17.27 -34.85
N VAL B 125 4.53 17.26 -36.17
CA VAL B 125 3.52 18.11 -36.78
C VAL B 125 2.67 17.27 -37.73
N ALA B 126 1.42 17.68 -37.92
CA ALA B 126 0.49 16.95 -38.77
C ALA B 126 -0.47 17.93 -39.42
N VAL B 127 -0.86 17.63 -40.65
CA VAL B 127 -1.79 18.46 -41.39
C VAL B 127 -3.21 18.20 -40.89
N ASN B 128 -4.02 19.26 -40.85
CA ASN B 128 -5.38 19.14 -40.30
C ASN B 128 -6.35 18.56 -41.31
N GLY B 129 -6.31 19.02 -42.56
CA GLY B 129 -7.22 18.52 -43.56
C GLY B 129 -8.14 19.57 -44.15
N ASN B 133 -8.87 16.18 -46.13
CA ASN B 133 -7.78 15.80 -47.02
C ASN B 133 -6.92 17.01 -47.37
N THR B 134 -6.52 17.11 -48.64
CA THR B 134 -5.64 18.16 -49.13
C THR B 134 -4.32 18.18 -48.35
N TYR B 135 -3.58 17.10 -48.50
CA TYR B 135 -2.21 17.04 -48.01
C TYR B 135 -1.29 17.72 -49.01
N VAL B 136 -0.40 18.57 -48.49
CA VAL B 136 0.61 19.22 -49.34
C VAL B 136 2.02 19.08 -48.80
N GLY B 137 2.20 18.74 -47.53
CA GLY B 137 3.53 18.57 -46.98
C GLY B 137 3.67 19.14 -45.58
N LEU B 138 4.70 18.71 -44.87
CA LEU B 138 4.93 19.15 -43.50
C LEU B 138 6.04 20.17 -43.46
N PRO B 139 5.86 21.27 -42.73
CA PRO B 139 6.87 22.33 -42.72
C PRO B 139 7.98 22.08 -41.71
N ASP B 140 9.15 22.64 -42.01
CA ASP B 140 10.26 22.66 -41.07
C ASP B 140 10.15 23.97 -40.30
N LEU B 141 9.51 23.91 -39.14
CA LEU B 141 9.26 25.07 -38.31
C LEU B 141 10.29 25.15 -37.19
N THR B 142 10.61 26.37 -36.80
CA THR B 142 11.47 26.62 -35.65
C THR B 142 10.59 26.95 -34.45
N LEU B 143 10.89 26.32 -33.32
CA LEU B 143 10.19 26.53 -32.07
C LEU B 143 11.14 27.18 -31.06
N GLN B 144 10.54 27.79 -30.03
CA GLN B 144 11.30 28.38 -28.95
C GLN B 144 10.73 27.89 -27.63
N ALA B 145 11.58 27.35 -26.78
CA ALA B 145 11.22 26.93 -25.44
C ALA B 145 11.94 27.83 -24.46
N MET B 146 11.21 28.75 -23.84
CA MET B 146 11.76 29.66 -22.85
C MET B 146 11.49 29.12 -21.46
N PHE B 147 12.55 29.01 -20.65
CA PHE B 147 12.41 28.59 -19.27
C PHE B 147 12.17 29.82 -18.41
N VAL B 148 11.05 29.83 -17.70
CA VAL B 148 10.63 30.95 -16.86
C VAL B 148 10.42 30.41 -15.45
N PRO B 149 11.07 30.98 -14.43
CA PRO B 149 10.85 30.51 -13.06
C PRO B 149 9.38 30.55 -12.65
N THR B 150 9.07 29.83 -11.57
CA THR B 150 7.68 29.63 -11.16
C THR B 150 7.03 30.94 -10.72
N GLY B 151 7.81 31.86 -10.17
CA GLY B 151 7.26 33.12 -9.71
C GLY B 151 7.56 34.29 -10.61
N ALA B 152 7.53 34.06 -11.92
CA ALA B 152 7.74 35.09 -12.91
C ALA B 152 6.62 35.05 -13.93
N LEU B 153 6.31 36.21 -14.50
CA LEU B 153 5.25 36.32 -15.47
C LEU B 153 5.70 35.84 -16.84
N THR B 154 4.80 35.15 -17.53
CA THR B 154 5.05 34.46 -18.79
C THR B 154 4.37 35.19 -19.94
N PRO B 155 4.75 34.89 -21.19
CA PRO B 155 4.09 35.52 -22.33
C PRO B 155 2.59 35.29 -22.34
N GLU B 156 1.87 36.22 -22.95
CA GLU B 156 0.43 36.14 -23.09
C GLU B 156 -0.02 35.90 -24.53
N LYS B 157 0.87 36.10 -25.50
CA LYS B 157 0.55 35.90 -26.91
C LYS B 157 1.80 35.36 -27.59
N GLN B 158 1.63 34.91 -28.84
CA GLN B 158 2.76 34.32 -29.55
C GLN B 158 3.72 35.39 -30.04
N ASP B 159 3.21 36.54 -30.48
CA ASP B 159 4.05 37.65 -30.89
C ASP B 159 4.34 38.62 -29.75
N SER B 160 4.32 38.12 -28.52
CA SER B 160 4.62 38.93 -27.36
C SER B 160 6.05 39.43 -27.41
N PHE B 161 6.29 40.56 -26.73
CA PHE B 161 7.64 41.04 -26.49
C PHE B 161 8.30 40.35 -25.32
N HIS B 162 7.64 39.36 -24.72
CA HIS B 162 8.24 38.59 -23.64
C HIS B 162 9.19 37.52 -24.16
N TRP B 163 9.08 37.16 -25.43
CA TRP B 163 9.94 36.15 -26.02
C TRP B 163 11.31 36.69 -26.37
N GLN B 164 11.57 37.98 -26.17
CA GLN B 164 12.89 38.52 -26.43
C GLN B 164 13.95 37.95 -25.51
N SER B 165 13.54 37.44 -24.35
CA SER B 165 14.36 36.60 -23.48
C SER B 165 15.71 37.25 -23.17
N GLY B 166 15.62 38.36 -22.43
CA GLY B 166 16.82 39.03 -21.95
C GLY B 166 17.71 38.10 -21.15
N SER B 167 17.26 37.68 -19.97
CA SER B 167 18.01 36.77 -19.14
C SER B 167 17.33 35.43 -18.90
N ASN B 168 16.08 35.28 -19.34
CA ASN B 168 15.43 33.97 -19.30
C ASN B 168 16.18 33.00 -20.22
N ALA B 169 16.45 31.80 -19.71
CA ALA B 169 17.10 30.78 -20.51
C ALA B 169 16.14 30.28 -21.59
N SER B 170 16.55 30.41 -22.85
CA SER B 170 15.70 30.05 -23.98
C SER B 170 16.50 29.21 -24.96
N VAL B 171 15.81 28.32 -25.67
CA VAL B 171 16.42 27.49 -26.69
C VAL B 171 15.54 27.52 -27.93
N PHE B 172 16.16 27.73 -29.08
CA PHE B 172 15.49 27.66 -30.37
C PHE B 172 15.92 26.39 -31.08
N PHE B 173 14.96 25.68 -31.66
CA PHE B 173 15.25 24.42 -32.30
C PHE B 173 14.30 24.21 -33.47
N LYS B 174 14.70 23.35 -34.39
CA LYS B 174 13.92 23.00 -35.57
C LYS B 174 13.23 21.67 -35.37
N ILE B 175 12.19 21.43 -36.16
CA ILE B 175 11.52 20.13 -36.14
C ILE B 175 12.35 19.09 -36.89
N SER B 176 13.02 19.51 -37.95
CA SER B 176 13.83 18.59 -38.77
C SER B 176 15.15 18.22 -38.12
N ASP B 177 15.47 18.79 -36.96
CA ASP B 177 16.73 18.51 -36.27
C ASP B 177 16.52 17.45 -35.21
N PRO B 178 17.61 16.93 -34.64
CA PRO B 178 17.48 16.09 -33.44
C PRO B 178 16.69 16.81 -32.36
N PRO B 179 16.10 16.07 -31.42
CA PRO B 179 15.36 16.73 -30.34
C PRO B 179 16.24 17.68 -29.56
N ALA B 180 15.64 18.76 -29.08
CA ALA B 180 16.36 19.69 -28.23
C ALA B 180 16.67 19.05 -26.89
N ARG B 181 17.76 19.47 -26.26
CA ARG B 181 18.15 18.87 -25.00
C ARG B 181 19.03 19.83 -24.21
N ILE B 182 18.62 20.10 -22.97
CA ILE B 182 19.35 20.95 -22.05
C ILE B 182 19.38 20.26 -20.69
N THR B 183 20.30 20.72 -19.84
CA THR B 183 20.37 20.25 -18.46
C THR B 183 19.93 21.36 -17.53
N ILE B 184 18.98 21.06 -16.65
CA ILE B 184 18.57 21.97 -15.58
C ILE B 184 19.22 21.49 -14.29
N PRO B 185 19.86 22.37 -13.52
CA PRO B 185 20.57 21.91 -12.33
C PRO B 185 19.64 21.53 -11.20
N PHE B 186 20.20 21.23 -10.04
CA PHE B 186 19.41 21.04 -8.83
C PHE B 186 19.00 22.42 -8.33
N MET B 187 17.72 22.75 -8.48
CA MET B 187 17.25 24.12 -8.32
C MET B 187 16.64 24.40 -6.96
N CYS B 188 16.54 23.41 -6.09
CA CYS B 188 15.78 23.60 -4.87
C CYS B 188 16.49 24.60 -3.95
N ILE B 189 15.69 25.31 -3.14
CA ILE B 189 16.26 26.16 -2.11
C ILE B 189 16.68 25.37 -0.88
N ASN B 190 16.34 24.08 -0.85
CA ASN B 190 16.75 23.14 0.18
C ASN B 190 17.80 22.19 -0.40
N SER B 191 18.31 21.30 0.44
CA SER B 191 19.35 20.37 0.01
C SER B 191 18.81 19.23 -0.83
N ALA B 192 17.52 18.94 -0.75
CA ALA B 192 16.90 17.95 -1.61
C ALA B 192 15.50 18.40 -1.95
N TYR B 193 14.94 17.81 -3.02
CA TYR B 193 13.53 17.99 -3.30
C TYR B 193 12.70 17.18 -2.32
N SER B 194 11.50 17.66 -2.05
CA SER B 194 10.54 16.93 -1.23
C SER B 194 9.54 16.30 -2.18
N VAL B 195 9.66 14.98 -2.35
CA VAL B 195 8.66 14.25 -3.12
C VAL B 195 7.34 14.22 -2.37
N PHE B 196 7.41 14.24 -1.04
CA PHE B 196 6.23 14.29 -0.19
C PHE B 196 6.37 15.43 0.80
N TYR B 197 5.23 16.01 1.17
CA TYR B 197 5.22 17.21 2.00
C TYR B 197 3.89 17.22 2.76
N ASP B 198 3.93 16.85 4.04
CA ASP B 198 2.74 16.94 4.88
C ASP B 198 2.73 18.31 5.57
N GLY B 199 2.57 19.33 4.75
CA GLY B 199 2.50 20.68 5.26
C GLY B 199 1.79 21.56 4.27
N PHE B 200 1.61 22.82 4.67
CA PHE B 200 1.01 23.83 3.83
C PHE B 200 2.05 24.90 3.53
N ALA B 201 2.02 25.42 2.31
CA ALA B 201 3.08 26.26 1.80
C ALA B 201 2.94 27.73 2.17
N GLY B 202 1.83 28.12 2.80
CA GLY B 202 1.61 29.49 3.20
C GLY B 202 1.58 29.66 4.72
N PHE B 203 1.29 30.90 5.12
CA PHE B 203 1.14 31.25 6.52
C PHE B 203 -0.30 31.45 6.94
N GLU B 204 -1.25 31.52 6.00
CA GLU B 204 -2.61 31.95 6.29
C GLU B 204 -3.60 30.78 6.24
N LYS B 205 -3.16 29.59 6.64
CA LYS B 205 -4.05 28.46 6.90
C LYS B 205 -4.89 28.00 5.72
N ASN B 206 -4.60 28.51 4.51
CA ASN B 206 -5.39 28.11 3.35
C ASN B 206 -4.54 27.87 2.11
N GLY B 207 -3.25 27.58 2.29
CA GLY B 207 -2.45 27.16 1.17
C GLY B 207 -2.78 25.75 0.74
N LEU B 208 -2.19 25.34 -0.37
CA LEU B 208 -2.41 23.99 -0.87
C LEU B 208 -1.65 22.99 -0.02
N TYR B 209 -2.25 21.83 0.22
CA TYR B 209 -1.64 20.79 1.03
C TYR B 209 -0.82 19.87 0.14
N GLY B 210 0.43 19.62 0.54
CA GLY B 210 1.25 18.64 -0.12
C GLY B 210 2.17 19.17 -1.19
N ILE B 211 2.01 20.43 -1.60
CA ILE B 211 2.83 21.03 -2.64
C ILE B 211 3.52 22.24 -2.03
N ASN B 212 4.86 22.25 -2.05
CA ASN B 212 5.52 23.52 -1.77
C ASN B 212 6.19 24.04 -3.03
N PRO B 213 6.13 25.35 -3.30
CA PRO B 213 6.75 25.89 -4.51
C PRO B 213 8.27 25.76 -4.53
N ALA B 214 8.88 25.33 -3.42
CA ALA B 214 10.32 25.14 -3.40
C ALA B 214 10.75 23.99 -4.28
N ASP B 215 9.85 23.05 -4.58
CA ASP B 215 10.20 21.83 -5.29
C ASP B 215 9.79 21.85 -6.75
N THR B 216 8.91 22.74 -7.16
CA THR B 216 8.60 22.92 -8.57
C THR B 216 9.73 23.71 -9.23
N ILE B 217 10.13 23.25 -10.41
CA ILE B 217 11.30 23.84 -11.07
C ILE B 217 10.95 25.19 -11.68
N GLY B 218 9.97 25.21 -12.57
CA GLY B 218 9.56 26.46 -13.19
C GLY B 218 8.51 26.22 -14.24
N ASN B 219 8.33 27.21 -15.09
CA ASN B 219 7.44 27.12 -16.25
C ASN B 219 8.27 26.85 -17.51
N LEU B 220 7.59 26.29 -18.50
CA LEU B 220 8.18 26.05 -19.82
C LEU B 220 7.22 26.59 -20.86
N CYS B 221 7.58 27.72 -21.46
CA CYS B 221 6.76 28.40 -22.44
C CYS B 221 7.28 28.03 -23.83
N VAL B 222 6.51 27.25 -24.57
CA VAL B 222 6.88 26.82 -25.91
C VAL B 222 5.97 27.51 -26.91
N ARG B 223 6.56 28.13 -27.92
CA ARG B 223 5.82 28.75 -29.00
C ARG B 223 6.37 28.28 -30.34
N ILE B 224 5.63 28.54 -31.39
CA ILE B 224 6.12 28.44 -32.76
C ILE B 224 6.60 29.83 -33.16
N VAL B 225 7.88 29.93 -33.50
CA VAL B 225 8.45 31.23 -33.83
C VAL B 225 7.90 31.73 -35.17
N ASN B 226 7.62 30.81 -36.10
CA ASN B 226 7.06 31.21 -37.38
C ASN B 226 5.69 31.85 -37.21
N GLU B 227 5.33 32.72 -38.15
CA GLU B 227 3.97 33.17 -38.25
C GLU B 227 3.14 32.15 -39.01
N HIS B 228 1.83 32.20 -38.82
CA HIS B 228 0.97 31.15 -39.33
C HIS B 228 1.02 31.08 -40.85
N GLN B 229 0.72 29.89 -41.38
CA GLN B 229 0.67 29.61 -42.80
C GLN B 229 -0.74 29.80 -43.33
N PRO B 230 -0.92 29.76 -44.65
CA PRO B 230 -2.28 29.83 -45.20
C PRO B 230 -3.16 28.64 -44.82
N VAL B 231 -2.55 27.50 -44.48
CA VAL B 231 -3.30 26.32 -44.05
C VAL B 231 -2.91 26.02 -42.61
N GLY B 232 -3.68 25.15 -41.96
CA GLY B 232 -3.50 24.85 -40.56
C GLY B 232 -2.84 23.51 -40.29
N PHE B 233 -2.13 23.43 -39.17
CA PHE B 233 -1.47 22.21 -38.72
C PHE B 233 -1.73 22.02 -37.24
N THR B 234 -1.55 20.80 -36.78
CA THR B 234 -1.59 20.48 -35.36
C THR B 234 -0.21 20.01 -34.91
N VAL B 235 0.31 20.62 -33.86
CA VAL B 235 1.69 20.45 -33.42
C VAL B 235 1.68 19.83 -32.03
N THR B 236 2.34 18.70 -31.88
CA THR B 236 2.46 18.02 -30.59
C THR B 236 3.89 18.13 -30.09
N VAL B 237 4.04 18.61 -28.87
CA VAL B 237 5.34 18.74 -28.22
C VAL B 237 5.38 17.76 -27.04
N ARG B 238 6.38 16.90 -27.04
CA ARG B 238 6.60 15.94 -25.97
C ARG B 238 7.87 16.30 -25.21
N VAL B 239 7.77 16.38 -23.89
CA VAL B 239 8.92 16.68 -23.04
C VAL B 239 9.31 15.42 -22.29
N TYR B 240 10.61 15.16 -22.24
CA TYR B 240 11.17 14.02 -21.54
C TYR B 240 12.15 14.52 -20.48
N MET B 241 12.13 13.88 -19.32
CA MET B 241 12.99 14.25 -18.21
C MET B 241 13.85 13.06 -17.84
N LYS B 242 15.14 13.31 -17.61
CA LYS B 242 16.08 12.27 -17.21
C LYS B 242 16.87 12.78 -16.01
N PRO B 243 16.61 12.29 -14.81
CA PRO B 243 17.41 12.68 -13.65
C PRO B 243 18.83 12.15 -13.76
N LYS B 244 19.80 12.96 -13.33
CA LYS B 244 21.17 12.51 -13.25
C LYS B 244 21.80 13.08 -11.99
N HIS B 245 22.92 12.49 -11.59
CA HIS B 245 23.63 12.86 -10.37
C HIS B 245 22.69 12.75 -9.17
N ILE B 246 22.01 11.62 -9.08
CA ILE B 246 20.87 11.42 -8.19
C ILE B 246 21.34 11.04 -6.81
N LYS B 247 20.65 11.57 -5.80
CA LYS B 247 20.79 11.13 -4.43
C LYS B 247 19.39 10.89 -3.87
N ALA B 248 19.19 9.74 -3.25
CA ALA B 248 17.89 9.30 -2.77
C ALA B 248 17.95 9.07 -1.27
N TRP B 249 16.87 9.42 -0.58
CA TRP B 249 16.78 9.32 0.87
C TRP B 249 15.44 8.74 1.28
N ALA B 250 15.45 7.91 2.33
CA ALA B 250 14.25 7.42 3.01
C ALA B 250 13.25 6.75 2.08
N PRO B 251 13.49 5.51 1.64
CA PRO B 251 12.57 4.86 0.71
C PRO B 251 11.20 4.64 1.32
N ARG B 252 10.19 4.57 0.45
CA ARG B 252 8.79 4.56 0.80
C ARG B 252 8.07 3.38 0.16
N PRO B 253 6.93 2.97 0.70
CA PRO B 253 6.12 1.94 0.06
C PRO B 253 5.59 2.42 -1.28
N PRO B 254 5.57 1.56 -2.28
CA PRO B 254 5.06 1.96 -3.59
C PRO B 254 3.57 2.25 -3.58
N ARG B 255 3.14 3.06 -4.54
CA ARG B 255 1.74 3.36 -4.71
C ARG B 255 1.02 2.15 -5.28
N THR B 256 0.03 1.63 -4.54
CA THR B 256 -0.71 0.48 -5.02
C THR B 256 -2.00 0.87 -5.73
N LEU B 257 -2.64 1.87 -5.28
CA LEU B 257 -3.89 2.24 -5.93
C LEU B 257 -3.62 3.22 -7.08
N PRO B 258 -4.49 3.24 -8.10
CA PRO B 258 -4.26 4.16 -9.21
C PRO B 258 -4.32 5.61 -8.76
N TYR B 259 -3.45 6.43 -9.35
CA TYR B 259 -3.46 7.86 -9.07
C TYR B 259 -4.74 8.49 -9.61
N MET B 260 -5.27 9.46 -8.87
CA MET B 260 -6.45 10.20 -9.28
C MET B 260 -6.11 11.59 -9.80
N SER B 261 -5.17 12.27 -9.16
CA SER B 261 -4.86 13.67 -9.44
C SER B 261 -3.36 13.84 -9.45
N ILE B 262 -2.90 14.98 -9.99
CA ILE B 262 -1.49 15.33 -9.89
C ILE B 262 -1.23 16.28 -8.74
N ALA B 263 -2.26 16.72 -8.03
CA ALA B 263 -2.13 17.69 -6.96
C ALA B 263 -2.11 17.06 -5.58
N ASN B 264 -2.57 15.82 -5.45
CA ASN B 264 -2.71 15.21 -4.14
C ASN B 264 -2.59 13.70 -4.26
N ALA B 265 -2.44 13.05 -3.11
CA ALA B 265 -2.34 11.60 -3.02
C ALA B 265 -3.70 10.93 -2.84
N ASN B 266 -4.77 11.58 -3.27
CA ASN B 266 -6.11 11.04 -3.11
C ASN B 266 -6.23 9.71 -3.81
N TYR B 267 -6.92 8.77 -3.15
CA TYR B 267 -6.97 7.40 -3.62
C TYR B 267 -8.40 6.94 -3.80
N LYS B 268 -8.63 6.23 -4.89
CA LYS B 268 -9.79 5.40 -5.09
C LYS B 268 -9.28 4.17 -5.82
N GLY B 269 -9.59 2.99 -5.30
CA GLY B 269 -9.06 1.79 -5.91
C GLY B 269 -9.70 1.51 -7.26
N LYS B 270 -9.48 0.27 -7.70
CA LYS B 270 -10.14 -0.27 -8.91
C LYS B 270 -11.46 -0.91 -8.45
N GLU B 271 -12.44 -1.05 -9.34
CA GLU B 271 -13.76 -1.63 -8.99
C GLU B 271 -13.59 -2.94 -8.20
N ARG B 272 -12.71 -3.82 -8.66
CA ARG B 272 -12.46 -5.11 -8.03
C ARG B 272 -10.96 -5.38 -8.00
N ALA B 273 -10.58 -6.41 -7.25
CA ALA B 273 -9.18 -6.79 -7.17
C ALA B 273 -8.69 -7.28 -8.52
N PRO B 274 -7.39 -7.12 -8.82
CA PRO B 274 -6.36 -6.51 -7.98
C PRO B 274 -6.43 -4.98 -7.90
N ASN B 275 -5.69 -4.42 -6.94
CA ASN B 275 -5.52 -2.97 -6.79
C ASN B 275 -6.81 -2.27 -6.43
N ALA B 276 -7.68 -2.96 -5.72
CA ALA B 276 -8.87 -2.35 -5.14
C ALA B 276 -8.59 -1.93 -3.70
N LEU B 277 -9.43 -1.02 -3.19
CA LEU B 277 -9.32 -0.62 -1.80
C LEU B 277 -9.60 -1.78 -0.86
N SER B 278 -10.53 -2.66 -1.25
CA SER B 278 -10.81 -3.84 -0.44
C SER B 278 -9.69 -4.86 -0.55
N ALA B 279 -9.08 -4.98 -1.73
CA ALA B 279 -8.12 -6.03 -2.03
C ALA B 279 -7.11 -5.51 -3.03
N ILE B 280 -5.84 -5.49 -2.65
CA ILE B 280 -4.77 -5.11 -3.56
C ILE B 280 -4.33 -6.29 -4.41
N ILE B 281 -4.30 -7.48 -3.82
CA ILE B 281 -3.88 -8.70 -4.49
C ILE B 281 -5.12 -9.43 -4.98
N GLY B 282 -5.04 -10.01 -6.16
CA GLY B 282 -6.17 -10.77 -6.68
C GLY B 282 -6.50 -11.97 -5.81
N ASN B 283 -7.78 -12.35 -5.83
CA ASN B 283 -8.28 -13.35 -4.91
C ASN B 283 -8.02 -14.76 -5.43
N ARG B 284 -7.94 -15.71 -4.51
CA ARG B 284 -7.90 -17.12 -4.82
C ARG B 284 -8.95 -17.84 -4.00
N ASP B 285 -9.20 -19.10 -4.34
CA ASP B 285 -10.26 -19.91 -3.69
C ASP B 285 -10.09 -19.92 -2.17
N SER B 286 -9.00 -20.50 -1.68
CA SER B 286 -8.74 -20.57 -0.25
C SER B 286 -7.25 -20.37 -0.04
N VAL B 287 -6.83 -20.39 1.24
CA VAL B 287 -5.42 -20.33 1.54
C VAL B 287 -4.71 -21.64 1.26
N LYS B 288 -5.46 -22.70 0.97
CA LYS B 288 -4.92 -23.99 0.58
C LYS B 288 -5.06 -24.24 -0.91
N THR B 289 -5.23 -23.18 -1.71
CA THR B 289 -5.38 -23.28 -3.15
C THR B 289 -4.10 -22.82 -3.82
N MET B 290 -3.66 -23.57 -4.82
CA MET B 290 -2.41 -23.29 -5.52
C MET B 290 -2.61 -23.40 -7.03
N PRO B 291 -2.47 -22.29 -7.78
CA PRO B 291 -2.57 -22.37 -9.24
C PRO B 291 -1.39 -23.08 -9.88
N HIS B 292 -1.27 -24.38 -9.65
CA HIS B 292 -0.07 -25.15 -9.94
C HIS B 292 -0.34 -26.20 -11.01
N ASN B 293 0.72 -26.92 -11.37
CA ASN B 293 0.69 -27.94 -12.41
C ASN B 293 0.61 -29.32 -11.78
N ILE B 294 -0.14 -30.21 -12.43
CA ILE B 294 -0.43 -31.52 -11.85
C ILE B 294 0.51 -32.57 -12.42
N VAL B 295 0.40 -32.85 -13.72
CA VAL B 295 1.27 -33.83 -14.36
C VAL B 295 1.96 -33.23 -15.58
N SER C 10 18.08 -7.67 30.26
CA SER C 10 18.93 -7.46 29.10
C SER C 10 18.29 -6.48 28.13
N ASP C 11 17.83 -6.98 26.98
CA ASP C 11 17.09 -6.15 26.03
C ASP C 11 15.64 -5.98 26.42
N ARG C 12 15.16 -6.72 27.42
CA ARG C 12 13.77 -6.61 27.85
C ARG C 12 13.58 -5.51 28.89
N VAL C 13 14.61 -5.23 29.68
CA VAL C 13 14.57 -4.16 30.66
C VAL C 13 15.25 -2.94 30.08
N LEU C 14 14.60 -1.78 30.17
CA LEU C 14 15.11 -0.56 29.60
C LEU C 14 14.60 0.62 30.42
N GLN C 15 15.49 1.57 30.71
CA GLN C 15 15.11 2.80 31.37
C GLN C 15 15.58 3.98 30.52
N LEU C 16 14.65 4.88 30.22
CA LEU C 16 14.92 6.10 29.48
C LEU C 16 14.71 7.28 30.41
N LYS C 17 15.77 8.07 30.61
CA LYS C 17 15.74 9.21 31.52
C LYS C 17 16.05 10.48 30.74
N LEU C 18 15.05 11.35 30.61
CA LEU C 18 15.15 12.57 29.82
C LEU C 18 14.67 13.74 30.67
N GLY C 19 15.58 14.60 31.10
CA GLY C 19 15.19 15.76 31.88
C GLY C 19 14.77 15.34 33.27
N ASN C 20 13.59 15.78 33.70
CA ASN C 20 13.03 15.38 34.98
C ASN C 20 12.04 14.23 34.87
N SER C 21 12.06 13.51 33.74
CA SER C 21 11.14 12.42 33.49
C SER C 21 11.92 11.15 33.21
N ALA C 22 11.39 10.02 33.66
CA ALA C 22 11.99 8.72 33.42
C ALA C 22 10.91 7.71 33.11
N ILE C 23 11.25 6.76 32.25
CA ILE C 23 10.38 5.65 31.91
C ILE C 23 11.15 4.36 32.15
N VAL C 24 10.56 3.44 32.91
CA VAL C 24 11.08 2.09 33.08
C VAL C 24 10.12 1.13 32.40
N THR C 25 10.67 0.13 31.72
CA THR C 25 9.85 -0.90 31.10
C THR C 25 10.55 -2.24 31.30
N GLN C 26 9.76 -3.25 31.64
CA GLN C 26 10.28 -4.58 31.97
C GLN C 26 10.01 -5.62 30.91
N GLU C 27 9.02 -5.39 30.06
CA GLU C 27 8.67 -6.30 28.96
C GLU C 27 8.83 -5.49 27.69
N ALA C 28 10.06 -5.39 27.21
CA ALA C 28 10.40 -4.66 26.01
C ALA C 28 11.11 -5.59 25.04
N ALA C 29 11.43 -5.07 23.86
CA ALA C 29 12.18 -5.81 22.87
C ALA C 29 13.55 -5.19 22.64
N ASN C 30 13.59 -3.94 22.26
CA ASN C 30 14.78 -3.13 22.05
C ASN C 30 14.28 -1.71 21.91
N TYR C 31 15.14 -0.81 21.45
CA TYR C 31 14.63 0.40 20.84
C TYR C 31 15.29 0.62 19.48
N CYS C 32 14.56 1.30 18.61
CA CYS C 32 14.98 1.55 17.24
C CYS C 32 15.55 2.94 17.12
N CYS C 33 16.66 3.07 16.40
CA CYS C 33 17.17 4.35 15.95
C CYS C 33 16.86 4.50 14.47
N ALA C 34 16.03 5.47 14.13
CA ALA C 34 15.60 5.66 12.76
C ALA C 34 16.79 5.82 11.84
N TYR C 35 16.95 4.87 10.91
CA TYR C 35 18.05 4.85 9.96
C TYR C 35 19.39 4.76 10.65
N GLY C 36 19.40 4.16 11.84
CA GLY C 36 20.62 3.99 12.61
C GLY C 36 21.30 5.28 13.00
N GLU C 37 20.55 6.32 13.30
CA GLU C 37 21.12 7.63 13.60
C GLU C 37 20.47 8.21 14.84
N TRP C 38 21.30 8.84 15.68
CA TRP C 38 20.97 9.49 16.93
C TRP C 38 20.82 10.99 16.72
N PRO C 39 19.83 11.62 17.36
CA PRO C 39 19.66 13.07 17.23
C PRO C 39 20.88 13.83 17.73
N ASN C 40 21.16 14.95 17.07
CA ASN C 40 22.27 15.81 17.44
C ASN C 40 21.81 17.26 17.35
N TYR C 41 22.73 18.17 17.63
CA TYR C 41 22.51 19.58 17.42
C TYR C 41 23.02 20.00 16.05
N LEU C 42 22.45 21.06 15.52
CA LEU C 42 22.83 21.54 14.19
C LEU C 42 24.25 22.06 14.20
N PRO C 43 25.15 21.52 13.40
CA PRO C 43 26.55 21.99 13.39
C PRO C 43 26.70 23.28 12.61
N ASP C 44 27.91 23.85 12.66
CA ASP C 44 28.15 25.15 12.06
C ASP C 44 28.24 25.09 10.54
N HIS C 45 28.68 23.97 9.98
CA HIS C 45 28.75 23.83 8.54
C HIS C 45 27.39 23.52 7.92
N GLU C 46 26.35 23.36 8.73
CA GLU C 46 25.01 23.13 8.22
C GLU C 46 24.04 24.24 8.60
N ALA C 47 24.46 25.16 9.47
CA ALA C 47 23.59 26.24 9.91
C ALA C 47 23.33 27.23 8.77
N VAL C 48 22.14 27.84 8.80
CA VAL C 48 21.79 28.90 7.87
C VAL C 48 21.39 30.18 8.59
N ALA C 49 20.54 30.06 9.62
CA ALA C 49 20.13 31.21 10.42
C ALA C 49 21.29 31.69 11.27
N ILE C 50 21.57 32.99 11.21
CA ILE C 50 22.79 33.51 11.81
C ILE C 50 22.62 33.98 13.25
N ASP C 51 21.39 33.98 13.77
CA ASP C 51 21.20 34.37 15.16
C ASP C 51 21.45 33.19 16.08
N LYS C 52 21.71 33.50 17.33
CA LYS C 52 22.03 32.47 18.31
C LYS C 52 20.81 31.63 18.62
N PRO C 53 20.90 30.30 18.57
CA PRO C 53 19.76 29.46 18.93
C PRO C 53 19.52 29.47 20.43
N THR C 54 18.34 28.99 20.82
CA THR C 54 17.95 29.03 22.22
C THR C 54 18.44 27.80 22.98
N GLN C 55 18.03 26.61 22.53
CA GLN C 55 18.43 25.34 23.11
C GLN C 55 18.01 25.20 24.58
N PRO C 56 16.70 25.15 24.87
CA PRO C 56 16.25 24.84 26.24
C PRO C 56 16.31 23.34 26.46
N GLU C 57 17.30 22.89 27.23
CA GLU C 57 17.60 21.46 27.21
C GLU C 57 16.67 20.66 28.11
N THR C 58 16.73 20.86 29.42
CA THR C 58 15.88 20.07 30.30
C THR C 58 14.44 20.55 30.31
N ALA C 59 14.19 21.79 29.88
CA ALA C 59 12.84 22.32 29.87
C ALA C 59 12.02 21.76 28.71
N THR C 60 12.68 21.34 27.64
CA THR C 60 12.00 20.79 26.47
C THR C 60 12.35 19.33 26.20
N ASP C 61 13.58 18.90 26.48
CA ASP C 61 13.96 17.51 26.26
C ASP C 61 13.50 16.69 27.44
N ARG C 62 12.30 16.13 27.32
CA ARG C 62 11.62 15.44 28.40
C ARG C 62 10.37 14.80 27.82
N PHE C 63 9.87 13.77 28.49
CA PHE C 63 8.75 13.01 27.96
C PHE C 63 7.45 13.74 28.20
N TYR C 64 6.64 13.83 27.16
CA TYR C 64 5.27 14.32 27.26
C TYR C 64 4.33 13.20 26.86
N THR C 65 3.25 13.04 27.63
CA THR C 65 2.29 11.96 27.43
C THR C 65 1.02 12.52 26.79
N LEU C 66 0.48 11.76 25.84
CA LEU C 66 -0.71 12.14 25.11
C LEU C 66 -1.96 11.59 25.78
N LYS C 67 -3.10 11.60 25.08
CA LYS C 67 -4.41 11.38 25.66
C LYS C 67 -4.79 9.91 25.83
N SER C 68 -3.91 8.97 25.47
CA SER C 68 -4.11 7.55 25.79
C SER C 68 -5.41 7.00 25.18
N VAL C 69 -5.40 6.90 23.86
CA VAL C 69 -6.49 6.25 23.15
C VAL C 69 -6.65 4.79 23.62
N LYS C 70 -7.83 4.24 23.38
CA LYS C 70 -8.14 2.85 23.70
C LYS C 70 -8.58 2.12 22.45
N TRP C 71 -8.42 0.80 22.43
CA TRP C 71 -8.80 0.02 21.26
C TRP C 71 -9.70 -1.15 21.63
N GLU C 72 -10.80 -1.24 20.90
CA GLU C 72 -11.81 -2.28 21.02
C GLU C 72 -11.89 -3.03 19.69
N THR C 73 -12.96 -3.79 19.51
CA THR C 73 -13.16 -4.50 18.23
C THR C 73 -13.64 -3.45 17.23
N GLY C 74 -12.93 -3.28 16.12
CA GLY C 74 -13.34 -2.31 15.10
C GLY C 74 -12.30 -1.22 14.89
N SER C 75 -11.29 -1.18 15.77
CA SER C 75 -10.21 -0.17 15.72
C SER C 75 -9.42 -0.28 14.42
N THR C 76 -9.16 0.85 13.76
CA THR C 76 -8.40 0.85 12.48
C THR C 76 -6.99 1.44 12.68
N GLY C 77 -6.76 2.16 13.78
CA GLY C 77 -5.46 2.73 14.00
C GLY C 77 -5.49 4.21 14.31
N TRP C 78 -4.38 4.74 14.83
CA TRP C 78 -4.30 6.11 15.28
C TRP C 78 -3.00 6.70 14.80
N TRP C 79 -3.00 8.01 14.58
CA TRP C 79 -1.79 8.70 14.14
C TRP C 79 -1.67 10.04 14.85
N TRP C 80 -0.42 10.50 14.97
CA TRP C 80 -0.10 11.80 15.51
C TRP C 80 0.99 12.42 14.65
N LYS C 81 0.85 13.70 14.33
CA LYS C 81 1.86 14.41 13.56
C LYS C 81 2.79 15.16 14.51
N LEU C 82 4.08 15.15 14.18
CA LEU C 82 5.10 15.79 15.00
C LEU C 82 5.74 16.93 14.21
N PRO C 83 5.93 18.11 14.82
CA PRO C 83 5.72 18.39 16.25
C PRO C 83 4.30 18.83 16.59
N ASP C 84 3.38 18.74 15.62
CA ASP C 84 2.02 19.24 15.80
C ASP C 84 1.36 18.71 17.06
N ALA C 85 1.66 17.48 17.45
CA ALA C 85 1.05 16.90 18.64
C ALA C 85 1.61 17.49 19.93
N LEU C 86 2.74 18.18 19.87
CA LEU C 86 3.39 18.76 21.04
C LEU C 86 3.42 20.28 21.01
N ASN C 87 2.80 20.91 20.01
CA ASN C 87 2.92 22.34 19.81
C ASN C 87 2.22 23.16 20.88
N ASN C 88 1.58 22.54 21.88
CA ASN C 88 0.87 23.28 22.92
C ASN C 88 1.08 22.64 24.29
N ILE C 89 2.22 22.00 24.51
CA ILE C 89 2.47 21.26 25.74
C ILE C 89 3.75 21.79 26.37
N GLY C 90 3.61 22.44 27.52
CA GLY C 90 4.72 22.86 28.35
C GLY C 90 5.64 23.89 27.69
N MET C 91 6.91 23.82 28.10
CA MET C 91 7.89 24.77 27.59
C MET C 91 8.25 24.49 26.14
N PHE C 92 8.12 23.25 25.67
CA PHE C 92 8.33 23.00 24.24
C PHE C 92 7.29 23.73 23.40
N GLY C 93 6.02 23.58 23.76
CA GLY C 93 4.96 24.29 23.07
C GLY C 93 4.98 25.78 23.32
N GLN C 94 5.69 26.24 24.34
CA GLN C 94 5.89 27.67 24.50
C GLN C 94 6.99 28.19 23.58
N ASN C 95 8.11 27.47 23.52
CA ASN C 95 9.19 27.83 22.61
C ASN C 95 8.75 27.77 21.16
N VAL C 96 7.81 26.88 20.84
CA VAL C 96 7.33 26.76 19.47
C VAL C 96 6.49 27.97 19.09
N GLN C 97 5.67 28.47 20.02
CA GLN C 97 4.81 29.60 19.72
C GLN C 97 5.56 30.91 19.64
N HIS C 98 6.71 31.02 20.32
CA HIS C 98 7.45 32.26 20.36
C HIS C 98 8.57 32.34 19.34
N HIS C 99 9.01 31.22 18.78
CA HIS C 99 10.08 31.20 17.81
C HIS C 99 9.55 30.86 16.43
N TYR C 100 10.31 31.26 15.42
CA TYR C 100 9.92 31.04 14.04
C TYR C 100 10.43 29.72 13.49
N LEU C 101 11.65 29.30 13.84
CA LEU C 101 12.18 28.03 13.41
C LEU C 101 12.45 27.13 14.59
N TYR C 102 12.40 25.81 14.34
CA TYR C 102 12.72 24.82 15.36
C TYR C 102 13.50 23.70 14.69
N ARG C 103 14.09 22.83 15.51
CA ARG C 103 14.77 21.65 15.00
C ARG C 103 14.88 20.65 16.14
N SER C 104 14.39 19.44 15.93
CA SER C 104 14.30 18.49 17.03
C SER C 104 14.24 17.06 16.50
N GLY C 105 14.87 16.16 17.23
CA GLY C 105 14.61 14.75 17.13
C GLY C 105 13.62 14.34 18.21
N PHE C 106 13.03 13.17 18.06
CA PHE C 106 12.00 12.71 18.96
C PHE C 106 12.29 11.32 19.47
N LEU C 107 12.03 11.11 20.76
CA LEU C 107 12.09 9.79 21.38
C LEU C 107 10.65 9.39 21.69
N ILE C 108 10.14 8.40 20.97
CA ILE C 108 8.74 7.98 21.10
C ILE C 108 8.69 6.67 21.86
N HIS C 109 7.76 6.57 22.80
CA HIS C 109 7.58 5.37 23.60
C HIS C 109 6.09 5.07 23.69
N VAL C 110 5.67 3.96 23.09
CA VAL C 110 4.28 3.53 23.09
C VAL C 110 4.11 2.46 24.16
N GLN C 111 3.06 2.60 24.97
CA GLN C 111 2.76 1.65 26.03
C GLN C 111 1.45 0.94 25.72
N CYS C 112 1.42 -0.37 25.94
CA CYS C 112 0.19 -1.14 25.81
C CYS C 112 0.33 -2.42 26.61
N ASN C 113 -0.47 -2.55 27.66
CA ASN C 113 -0.44 -3.71 28.53
C ASN C 113 -1.73 -4.50 28.41
N ALA C 114 -1.60 -5.83 28.42
CA ALA C 114 -2.72 -6.73 28.54
C ALA C 114 -2.26 -7.95 29.33
N THR C 115 -3.17 -8.88 29.58
CA THR C 115 -2.82 -10.06 30.35
C THR C 115 -2.17 -11.10 29.43
N LYS C 116 -1.85 -12.26 29.99
CA LYS C 116 -1.24 -13.35 29.24
C LYS C 116 -2.27 -14.20 28.53
N PHE C 117 -3.54 -13.79 28.55
CA PHE C 117 -4.61 -14.44 27.81
C PHE C 117 -5.10 -13.58 26.64
N HIS C 118 -4.32 -12.58 26.25
CA HIS C 118 -4.70 -11.63 25.21
C HIS C 118 -3.87 -11.84 23.96
N GLN C 119 -4.48 -11.61 22.82
CA GLN C 119 -3.79 -11.54 21.54
C GLN C 119 -3.73 -10.10 21.06
N GLY C 120 -3.02 -9.89 19.97
CA GLY C 120 -2.92 -8.56 19.41
C GLY C 120 -1.51 -8.21 19.01
N ALA C 121 -1.37 -7.54 17.87
CA ALA C 121 -0.07 -7.08 17.38
C ALA C 121 -0.27 -5.69 16.84
N LEU C 122 0.29 -4.70 17.51
CA LEU C 122 0.26 -3.31 17.06
C LEU C 122 1.52 -3.02 16.27
N LEU C 123 1.35 -2.42 15.11
CA LEU C 123 2.47 -1.94 14.32
C LEU C 123 2.66 -0.46 14.62
N VAL C 124 3.82 -0.12 15.18
CA VAL C 124 4.15 1.26 15.52
C VAL C 124 5.16 1.75 14.48
N VAL C 125 4.70 2.60 13.57
CA VAL C 125 5.52 3.10 12.47
C VAL C 125 5.68 4.61 12.62
N ALA C 126 6.90 5.09 12.39
CA ALA C 126 7.17 6.52 12.23
C ALA C 126 7.41 6.78 10.75
N ILE C 127 6.47 7.49 10.12
CA ILE C 127 6.53 7.78 8.69
C ILE C 127 7.08 9.18 8.49
N PRO C 128 8.13 9.36 7.70
CA PRO C 128 8.58 10.72 7.36
C PRO C 128 7.74 11.31 6.24
N GLU C 129 7.22 12.51 6.48
CA GLU C 129 6.48 13.27 5.47
C GLU C 129 5.27 12.50 4.96
N HIS C 130 4.44 12.02 5.89
CA HIS C 130 3.27 11.23 5.53
C HIS C 130 2.20 12.17 4.98
N GLN C 131 2.36 12.54 3.72
CA GLN C 131 1.32 13.28 3.01
C GLN C 131 0.10 12.38 2.83
N ARG C 132 -1.02 12.81 3.39
CA ARG C 132 -2.23 12.01 3.37
C ARG C 132 -3.06 12.32 2.12
N GLY C 133 -3.97 11.39 1.81
CA GLY C 133 -4.88 11.57 0.71
C GLY C 133 -6.31 11.34 1.16
N ALA C 134 -7.25 11.80 0.34
CA ALA C 134 -8.67 11.60 0.57
C ALA C 134 -9.19 10.45 -0.29
N HIS C 135 -10.39 10.00 0.05
CA HIS C 135 -11.00 8.83 -0.58
C HIS C 135 -12.23 9.27 -1.37
N ASN C 136 -12.24 8.93 -2.67
CA ASN C 136 -13.32 9.31 -3.60
C ASN C 136 -13.44 10.82 -3.76
N THR C 137 -12.32 11.52 -3.81
CA THR C 137 -12.35 12.96 -3.89
C THR C 137 -11.10 13.44 -4.62
N ASN C 138 -11.28 14.39 -5.53
CA ASN C 138 -10.14 15.08 -6.11
C ASN C 138 -9.69 16.27 -5.28
N THR C 139 -10.55 16.79 -4.42
CA THR C 139 -10.19 17.88 -3.52
C THR C 139 -9.18 17.38 -2.49
N SER C 140 -8.10 18.14 -2.31
CA SER C 140 -7.07 17.77 -1.38
C SER C 140 -7.60 17.80 0.05
N PRO C 141 -6.96 17.09 0.96
CA PRO C 141 -7.35 17.18 2.37
C PRO C 141 -7.15 18.59 2.91
N GLY C 142 -8.12 19.05 3.71
CA GLY C 142 -8.10 20.40 4.23
C GLY C 142 -7.29 20.53 5.51
N PHE C 143 -7.20 21.77 5.98
CA PHE C 143 -6.33 22.06 7.12
C PHE C 143 -6.76 21.29 8.37
N ASP C 144 -8.06 21.29 8.68
CA ASP C 144 -8.55 20.57 9.85
C ASP C 144 -8.53 19.06 9.67
N ASP C 145 -8.18 18.57 8.48
CA ASP C 145 -8.03 17.14 8.26
C ASP C 145 -6.66 16.62 8.68
N ILE C 146 -5.66 17.49 8.69
CA ILE C 146 -4.29 17.09 8.97
C ILE C 146 -3.83 17.58 10.34
N MET C 147 -4.23 18.79 10.72
CA MET C 147 -3.80 19.39 11.99
C MET C 147 -4.82 19.01 13.05
N LYS C 148 -4.47 18.00 13.85
CA LYS C 148 -5.34 17.50 14.91
C LYS C 148 -4.85 17.84 16.31
N GLY C 149 -3.54 17.97 16.50
CA GLY C 149 -3.00 18.35 17.79
C GLY C 149 -2.72 17.19 18.71
N GLU C 150 -2.82 17.44 20.02
CA GLU C 150 -2.49 16.45 21.03
C GLU C 150 -3.37 15.21 20.95
N GLU C 151 -4.49 15.27 20.24
CA GLU C 151 -5.42 14.15 20.19
C GLU C 151 -5.29 13.30 18.93
N GLY C 152 -4.64 13.81 17.88
CA GLY C 152 -4.40 13.01 16.70
C GLY C 152 -5.68 12.66 15.95
N GLY C 153 -5.57 11.65 15.09
CA GLY C 153 -6.71 11.16 14.35
C GLY C 153 -6.67 9.65 14.25
N THR C 154 -7.64 9.11 13.53
CA THR C 154 -7.69 7.69 13.22
C THR C 154 -7.58 7.49 11.71
N PHE C 155 -7.30 6.25 11.32
CA PHE C 155 -7.16 5.90 9.92
C PHE C 155 -8.52 5.58 9.33
N ASN C 156 -8.81 6.14 8.16
CA ASN C 156 -9.98 5.72 7.41
C ASN C 156 -9.74 4.38 6.75
N HIS C 157 -8.63 4.27 6.03
CA HIS C 157 -8.24 3.04 5.34
C HIS C 157 -6.80 2.73 5.70
N PRO C 158 -6.57 2.07 6.84
CA PRO C 158 -5.19 1.69 7.21
C PRO C 158 -4.57 0.67 6.30
N TYR C 159 -5.35 0.01 5.45
CA TYR C 159 -4.80 -0.97 4.52
C TYR C 159 -3.87 -0.32 3.51
N VAL C 160 -4.20 0.89 3.07
CA VAL C 160 -3.39 1.62 2.12
C VAL C 160 -2.61 2.75 2.79
N LEU C 161 -2.59 2.79 4.13
CA LEU C 161 -1.95 3.84 4.92
C LEU C 161 -2.52 5.21 4.62
N ASP C 162 -3.76 5.27 4.15
CA ASP C 162 -4.47 6.50 3.86
C ASP C 162 -3.76 7.38 2.84
N ASP C 163 -2.95 6.80 1.95
CA ASP C 163 -2.35 7.57 0.88
C ASP C 163 -2.24 6.81 -0.43
N GLY C 164 -2.84 5.63 -0.56
CA GLY C 164 -2.74 4.85 -1.76
C GLY C 164 -1.54 3.91 -1.84
N THR C 165 -0.73 3.86 -0.79
CA THR C 165 0.42 2.96 -0.72
C THR C 165 -0.03 1.65 -0.06
N SER C 166 0.91 0.85 0.42
CA SER C 166 0.61 -0.45 1.02
C SER C 166 1.07 -0.47 2.47
N LEU C 167 0.18 -0.87 3.37
CA LEU C 167 0.55 -1.05 4.76
C LEU C 167 1.53 -2.21 4.93
N ALA C 168 1.47 -3.21 4.04
CA ALA C 168 2.38 -4.33 4.11
C ALA C 168 3.84 -3.91 3.99
N CYS C 169 4.11 -2.85 3.21
CA CYS C 169 5.48 -2.40 2.96
C CYS C 169 5.90 -1.29 3.91
N ALA C 170 5.12 -0.98 4.92
CA ALA C 170 5.45 0.08 5.88
C ALA C 170 6.60 -0.28 6.77
N THR C 171 7.28 -1.39 6.53
CA THR C 171 8.37 -1.84 7.36
C THR C 171 9.74 -1.36 6.88
N ILE C 172 9.79 -0.50 5.86
CA ILE C 172 10.99 0.29 5.59
C ILE C 172 11.05 1.55 6.43
N PHE C 173 9.92 2.03 6.94
CA PHE C 173 9.95 3.13 7.86
C PHE C 173 10.42 2.66 9.23
N PRO C 174 10.99 3.55 10.02
CA PRO C 174 11.39 3.17 11.39
C PRO C 174 10.19 2.70 12.21
N HIS C 175 10.18 1.43 12.57
CA HIS C 175 9.01 0.81 13.15
C HIS C 175 9.42 -0.15 14.26
N GLN C 176 8.42 -0.52 15.07
CA GLN C 176 8.52 -1.61 16.03
C GLN C 176 7.15 -2.24 16.15
N TRP C 177 7.11 -3.45 16.68
CA TRP C 177 5.85 -4.15 16.93
C TRP C 177 5.59 -4.23 18.41
N ILE C 178 4.33 -4.11 18.80
CA ILE C 178 3.91 -4.50 20.14
C ILE C 178 3.07 -5.75 20.01
N ASN C 179 3.71 -6.91 20.14
CA ASN C 179 3.01 -8.19 20.19
C ASN C 179 2.76 -8.51 21.65
N LEU C 180 1.49 -8.70 22.01
CA LEU C 180 1.13 -8.78 23.42
C LEU C 180 1.75 -9.98 24.12
N ARG C 181 2.04 -11.04 23.37
CA ARG C 181 2.66 -12.22 23.97
C ARG C 181 4.16 -12.06 24.17
N THR C 182 4.76 -10.99 23.63
CA THR C 182 6.20 -10.79 23.72
C THR C 182 6.55 -9.56 24.54
N ASN C 183 6.03 -8.39 24.20
CA ASN C 183 6.41 -7.16 24.87
C ASN C 183 5.18 -6.27 25.05
N ASN C 184 5.32 -5.24 25.87
CA ASN C 184 4.25 -4.28 26.10
C ASN C 184 4.62 -2.86 25.74
N SER C 185 5.82 -2.63 25.20
CA SER C 185 6.24 -1.29 24.82
C SER C 185 7.06 -1.34 23.55
N ALA C 186 7.11 -0.20 22.87
CA ALA C 186 7.92 -0.01 21.68
C ALA C 186 8.51 1.39 21.71
N THR C 187 9.79 1.49 21.34
CA THR C 187 10.54 2.74 21.42
C THR C 187 11.29 2.96 20.12
N ILE C 188 11.07 4.11 19.49
CA ILE C 188 11.79 4.53 18.28
C ILE C 188 12.44 5.87 18.55
N VAL C 189 13.71 5.98 18.22
CA VAL C 189 14.45 7.25 18.31
C VAL C 189 14.48 7.86 16.91
N LEU C 190 13.98 9.07 16.77
CA LEU C 190 13.93 9.75 15.49
C LEU C 190 14.92 10.90 15.46
N PRO C 191 15.77 10.99 14.46
CA PRO C 191 16.61 12.19 14.30
C PRO C 191 15.85 13.28 13.55
N TRP C 192 16.52 14.38 13.26
CA TRP C 192 15.92 15.39 12.40
C TRP C 192 15.90 14.88 10.96
N MET C 193 14.70 14.74 10.41
CA MET C 193 14.52 14.39 9.00
C MET C 193 13.80 15.54 8.33
N ASN C 194 14.49 16.21 7.43
CA ASN C 194 13.94 17.36 6.71
C ASN C 194 14.90 17.70 5.59
N ALA C 195 14.41 18.43 4.60
CA ALA C 195 15.27 18.91 3.53
C ALA C 195 16.01 20.18 3.90
N ALA C 196 15.54 20.89 4.93
CA ALA C 196 16.12 22.11 5.44
C ALA C 196 16.69 21.91 6.84
N PRO C 197 17.62 22.76 7.28
CA PRO C 197 18.19 22.56 8.63
C PRO C 197 17.22 22.90 9.74
N MET C 198 16.32 23.83 9.52
CA MET C 198 15.27 24.17 10.47
C MET C 198 13.98 24.34 9.69
N ASP C 199 12.87 24.50 10.41
CA ASP C 199 11.60 24.62 9.72
C ASP C 199 10.58 25.26 10.66
N PHE C 200 9.54 25.82 10.06
CA PHE C 200 8.40 26.40 10.75
C PHE C 200 7.52 25.29 11.32
N PRO C 201 7.44 25.18 12.65
CA PRO C 201 6.74 24.02 13.25
C PRO C 201 5.23 24.06 13.11
N LEU C 202 4.66 25.13 12.58
CA LEU C 202 3.23 25.32 12.60
C LEU C 202 2.55 25.04 11.26
N ARG C 203 3.32 24.80 10.20
CA ARG C 203 2.75 24.56 8.87
C ARG C 203 3.33 23.33 8.21
N HIS C 204 3.97 22.45 8.96
CA HIS C 204 4.67 21.31 8.37
C HIS C 204 5.04 20.33 9.46
N ASN C 205 4.88 19.04 9.18
CA ASN C 205 5.24 17.97 10.09
C ASN C 205 6.31 17.11 9.43
N GLN C 206 7.37 16.82 10.17
CA GLN C 206 8.41 15.94 9.62
C GLN C 206 8.05 14.48 9.80
N TRP C 207 7.40 14.14 10.91
CA TRP C 207 7.11 12.77 11.27
C TRP C 207 5.63 12.59 11.55
N THR C 208 5.14 11.38 11.29
CA THR C 208 3.82 10.95 11.69
C THR C 208 3.97 9.62 12.41
N LEU C 209 3.49 9.54 13.64
CA LEU C 209 3.55 8.31 14.41
C LEU C 209 2.22 7.59 14.26
N ALA C 210 2.23 6.43 13.63
CA ALA C 210 1.04 5.63 13.40
C ALA C 210 1.12 4.36 14.23
N ILE C 211 0.02 4.02 14.87
CA ILE C 211 -0.14 2.74 15.58
C ILE C 211 -1.32 2.02 14.94
N ILE C 212 -1.06 0.86 14.36
CA ILE C 212 -2.06 0.15 13.57
C ILE C 212 -2.24 -1.26 14.11
N PRO C 213 -3.47 -1.68 14.41
CA PRO C 213 -3.75 -3.05 14.89
C PRO C 213 -3.80 -4.08 13.78
N VAL C 214 -2.63 -4.56 13.37
CA VAL C 214 -2.58 -5.54 12.29
C VAL C 214 -3.25 -6.84 12.70
N VAL C 215 -3.04 -7.25 13.94
CA VAL C 215 -3.76 -8.38 14.54
C VAL C 215 -4.72 -7.82 15.58
N PRO C 216 -6.01 -8.09 15.48
CA PRO C 216 -6.98 -7.51 16.43
C PRO C 216 -6.73 -7.97 17.86
N LEU C 217 -7.22 -7.16 18.80
CA LEU C 217 -7.20 -7.51 20.20
C LEU C 217 -8.27 -8.55 20.49
N GLY C 218 -7.87 -9.68 21.05
CA GLY C 218 -8.80 -10.75 21.32
C GLY C 218 -8.44 -11.49 22.58
N THR C 219 -9.46 -12.02 23.24
CA THR C 219 -9.32 -12.82 24.45
C THR C 219 -10.67 -13.40 24.80
N ARG C 220 -10.66 -14.46 25.60
CA ARG C 220 -11.90 -15.04 26.11
C ARG C 220 -12.08 -14.84 27.60
N THR C 221 -11.20 -14.06 28.24
CA THR C 221 -11.41 -13.66 29.62
C THR C 221 -12.36 -12.47 29.69
N THR C 222 -12.60 -11.98 30.90
CA THR C 222 -13.48 -10.83 31.04
C THR C 222 -12.81 -9.58 30.49
N SER C 223 -13.58 -8.78 29.77
CA SER C 223 -13.02 -7.67 29.01
C SER C 223 -12.66 -6.52 29.93
N SER C 224 -11.51 -5.91 29.64
CA SER C 224 -11.08 -4.68 30.27
C SER C 224 -10.91 -3.62 29.18
N MET C 225 -10.83 -2.37 29.60
CA MET C 225 -10.37 -1.33 28.69
C MET C 225 -8.86 -1.49 28.52
N VAL C 226 -8.42 -1.58 27.27
CA VAL C 226 -6.98 -1.69 26.99
C VAL C 226 -6.55 -0.41 26.29
N PRO C 227 -6.01 0.57 27.00
CA PRO C 227 -5.57 1.80 26.36
C PRO C 227 -4.16 1.72 25.82
N ILE C 228 -3.91 2.50 24.78
CA ILE C 228 -2.59 2.62 24.17
C ILE C 228 -2.09 4.03 24.42
N THR C 229 -0.97 4.15 25.12
CA THR C 229 -0.44 5.42 25.55
C THR C 229 0.83 5.75 24.76
N VAL C 230 1.01 7.02 24.45
CA VAL C 230 2.17 7.49 23.67
C VAL C 230 2.88 8.57 24.47
N SER C 231 4.15 8.34 24.77
CA SER C 231 5.03 9.33 25.37
C SER C 231 6.05 9.76 24.33
N ILE C 232 6.21 11.06 24.15
CA ILE C 232 7.16 11.60 23.18
C ILE C 232 8.07 12.59 23.89
N ALA C 233 9.37 12.36 23.78
CA ALA C 233 10.37 13.31 24.25
C ALA C 233 11.02 13.99 23.06
N PRO C 234 10.98 15.31 22.96
CA PRO C 234 11.80 15.99 21.95
C PRO C 234 13.26 15.97 22.38
N MET C 235 14.16 15.82 21.41
CA MET C 235 15.57 15.64 21.70
C MET C 235 16.39 16.68 20.93
N CYS C 236 17.33 17.31 21.63
CA CYS C 236 18.22 18.31 21.05
C CYS C 236 17.43 19.38 20.31
N CYS C 237 16.51 20.01 21.04
CA CYS C 237 15.68 21.07 20.49
C CYS C 237 16.47 22.36 20.38
N GLU C 238 16.43 22.97 19.21
CA GLU C 238 16.92 24.32 19.01
C GLU C 238 15.77 25.15 18.45
N PHE C 239 15.71 26.42 18.87
CA PHE C 239 14.71 27.34 18.38
C PHE C 239 15.40 28.61 17.91
N ASN C 240 14.95 29.13 16.77
CA ASN C 240 15.51 30.32 16.15
C ASN C 240 14.39 31.26 15.74
N GLY C 241 14.71 32.55 15.69
CA GLY C 241 13.79 33.55 15.19
C GLY C 241 12.76 34.00 16.21
N LEU C 242 13.24 34.50 17.34
CA LEU C 242 12.37 34.84 18.46
C LEU C 242 11.57 36.12 18.18
N ARG C 243 10.26 36.03 18.34
CA ARG C 243 9.36 37.17 18.26
C ARG C 243 8.21 36.91 19.23
N HIS C 244 7.10 37.63 19.07
CA HIS C 244 5.95 37.40 19.93
C HIS C 244 5.34 36.03 19.64
N ALA C 245 4.34 35.68 20.44
CA ALA C 245 3.70 34.38 20.37
C ALA C 245 2.47 34.41 19.45
N ILE C 246 2.20 33.27 18.82
CA ILE C 246 1.02 33.09 17.99
C ILE C 246 0.11 32.08 18.68
N THR C 247 -1.17 32.15 18.35
CA THR C 247 -2.13 31.15 18.82
C THR C 247 -2.56 30.23 17.67
N GLY D 1 39.79 21.74 -41.19
CA GLY D 1 38.87 21.01 -40.33
C GLY D 1 39.17 19.53 -40.25
N VAL D 2 38.34 18.82 -39.51
CA VAL D 2 38.48 17.37 -39.32
C VAL D 2 37.54 16.67 -40.30
N PRO D 3 38.00 15.65 -41.02
CA PRO D 3 37.10 14.89 -41.89
C PRO D 3 36.35 13.83 -41.09
N THR D 4 35.03 13.90 -41.11
CA THR D 4 34.18 13.04 -40.31
C THR D 4 33.10 12.42 -41.18
N TYR D 5 32.46 11.38 -40.67
CA TYR D 5 31.30 10.79 -41.30
C TYR D 5 30.33 10.35 -40.21
N LEU D 6 29.04 10.40 -40.53
CA LEU D 6 28.01 10.04 -39.58
C LEU D 6 27.72 8.55 -39.62
N LEU D 7 27.42 8.01 -38.47
CA LEU D 7 27.14 6.60 -38.28
C LEU D 7 25.64 6.36 -38.14
N PRO D 8 25.18 5.14 -38.41
CA PRO D 8 23.80 4.80 -38.03
C PRO D 8 23.60 4.97 -36.53
N GLY D 9 22.49 5.59 -36.16
CA GLY D 9 22.28 6.03 -34.80
C GLY D 9 22.63 7.48 -34.56
N SER D 10 22.69 8.30 -35.61
CA SER D 10 23.08 9.69 -35.52
C SER D 10 21.82 10.55 -35.50
N GLY D 11 21.70 11.40 -34.49
CA GLY D 11 20.51 12.21 -34.33
C GLY D 11 19.32 11.47 -33.76
N GLN D 12 19.55 10.32 -33.13
CA GLN D 12 18.51 9.53 -32.52
C GLN D 12 18.43 9.83 -31.03
N PHE D 13 17.23 9.70 -30.48
CA PHE D 13 16.99 9.96 -29.07
C PHE D 13 16.73 8.63 -28.37
N LEU D 14 17.80 7.99 -27.94
CA LEU D 14 17.71 6.83 -27.06
C LEU D 14 17.48 7.30 -25.63
N THR D 15 16.47 6.74 -24.96
CA THR D 15 16.17 7.20 -23.61
C THR D 15 17.13 6.70 -22.56
N THR D 16 18.22 6.05 -22.96
CA THR D 16 19.28 5.58 -22.07
C THR D 16 20.63 6.06 -22.59
N ASP D 17 20.71 7.33 -22.96
CA ASP D 17 21.87 7.88 -23.65
C ASP D 17 23.12 7.87 -22.77
N ASP D 18 23.05 8.54 -21.62
CA ASP D 18 24.19 8.77 -20.74
C ASP D 18 25.28 9.61 -21.44
N HIS D 19 24.89 10.81 -21.81
CA HIS D 19 25.78 11.81 -22.37
C HIS D 19 25.76 13.07 -21.50
N SER D 20 26.52 14.07 -21.91
CA SER D 20 26.51 15.38 -21.28
C SER D 20 25.77 16.36 -22.18
N SER D 21 24.84 17.12 -21.61
CA SER D 21 24.03 18.07 -22.35
C SER D 21 24.35 19.49 -21.93
N ALA D 22 23.73 20.44 -22.62
CA ALA D 22 24.06 21.86 -22.46
C ALA D 22 23.47 22.41 -21.17
N PRO D 23 24.26 23.10 -20.35
CA PRO D 23 23.72 23.70 -19.12
C PRO D 23 22.80 24.87 -19.43
N ALA D 24 21.53 24.74 -19.04
CA ALA D 24 20.57 25.80 -19.29
C ALA D 24 20.88 27.04 -18.45
N LEU D 25 21.29 26.84 -17.20
CA LEU D 25 21.64 27.95 -16.32
C LEU D 25 23.14 27.93 -16.06
N PRO D 26 23.92 28.83 -16.65
CA PRO D 26 25.35 28.84 -16.38
C PRO D 26 25.68 29.48 -15.03
N CYS D 27 26.81 29.04 -14.47
CA CYS D 27 27.35 29.57 -13.22
C CYS D 27 26.37 29.41 -12.06
N PHE D 28 25.51 28.39 -12.13
CA PHE D 28 24.55 28.13 -11.07
C PHE D 28 25.22 27.35 -9.94
N ASN D 29 24.95 27.77 -8.70
CA ASN D 29 25.50 27.09 -7.53
C ASN D 29 24.37 26.37 -6.79
N PRO D 30 24.38 25.05 -6.72
CA PRO D 30 23.31 24.34 -6.01
C PRO D 30 23.44 24.52 -4.50
N THR D 31 22.32 24.28 -3.83
CA THR D 31 22.30 24.35 -2.38
C THR D 31 23.35 23.41 -1.80
N PRO D 32 24.09 23.84 -0.78
CA PRO D 32 25.04 22.95 -0.12
C PRO D 32 24.37 21.65 0.30
N GLU D 33 25.07 20.54 0.08
CA GLU D 33 24.52 19.23 0.41
C GLU D 33 24.78 18.89 1.86
N MET D 34 23.70 18.70 2.61
CA MET D 34 23.76 18.36 4.03
C MET D 34 23.40 16.90 4.24
N HIS D 35 23.59 16.45 5.47
CA HIS D 35 23.34 15.05 5.82
C HIS D 35 21.87 14.85 6.13
N ILE D 36 21.24 13.94 5.39
CA ILE D 36 19.86 13.53 5.67
C ILE D 36 19.90 12.07 6.07
N PRO D 37 19.12 11.65 7.05
CA PRO D 37 19.09 10.23 7.42
C PRO D 37 18.47 9.36 6.33
N GLY D 38 19.03 8.17 6.15
CA GLY D 38 18.42 7.15 5.34
C GLY D 38 18.71 7.24 3.86
N GLN D 39 19.98 7.40 3.50
CA GLN D 39 20.34 7.50 2.09
C GLN D 39 20.40 6.13 1.43
N VAL D 40 19.89 6.06 0.22
CA VAL D 40 19.87 4.84 -0.57
C VAL D 40 20.75 5.03 -1.78
N ARG D 41 21.56 4.03 -2.08
CA ARG D 41 22.33 4.01 -3.31
C ARG D 41 22.11 2.78 -4.15
N ASN D 42 21.48 1.75 -3.61
CA ASN D 42 21.18 0.50 -4.31
C ASN D 42 19.81 0.02 -3.83
N MET D 43 18.95 -0.36 -4.76
CA MET D 43 17.64 -0.89 -4.40
C MET D 43 17.73 -2.28 -3.77
N LEU D 44 18.90 -2.92 -3.87
CA LEU D 44 19.11 -4.17 -3.17
C LEU D 44 19.20 -3.97 -1.66
N GLU D 45 19.55 -2.76 -1.20
CA GLU D 45 19.38 -2.45 0.22
C GLU D 45 17.91 -2.50 0.60
N VAL D 46 17.03 -2.06 -0.30
CA VAL D 46 15.61 -1.96 0.01
C VAL D 46 14.96 -3.34 0.00
N VAL D 47 15.28 -4.18 -0.99
CA VAL D 47 14.62 -5.47 -1.08
C VAL D 47 14.96 -6.38 0.09
N GLN D 48 16.02 -6.09 0.83
CA GLN D 48 16.43 -6.93 1.96
C GLN D 48 15.64 -6.65 3.23
N VAL D 49 14.65 -5.79 3.18
CA VAL D 49 13.82 -5.47 4.34
C VAL D 49 12.58 -6.34 4.30
N GLU D 50 12.20 -6.88 5.46
CA GLU D 50 11.01 -7.70 5.58
C GLU D 50 9.76 -6.91 5.21
N SER D 51 8.74 -7.64 4.78
CA SER D 51 7.52 -7.02 4.30
C SER D 51 6.40 -8.07 4.34
N MET D 52 5.23 -7.67 4.80
CA MET D 52 4.15 -8.61 5.03
C MET D 52 3.67 -9.23 3.72
N MET D 53 3.45 -10.54 3.75
CA MET D 53 2.84 -11.25 2.64
C MET D 53 1.32 -11.28 2.80
N GLU D 54 0.61 -11.08 1.69
CA GLU D 54 -0.85 -11.16 1.68
C GLU D 54 -1.26 -12.60 1.37
N ILE D 55 -1.07 -13.46 2.36
CA ILE D 55 -1.39 -14.88 2.20
C ILE D 55 -2.89 -15.12 2.19
N ASN D 56 -3.67 -14.22 2.76
CA ASN D 56 -5.12 -14.37 2.82
C ASN D 56 -5.78 -13.62 1.65
N ASN D 57 -5.57 -14.16 0.46
CA ASN D 57 -6.18 -13.62 -0.76
C ASN D 57 -7.66 -13.90 -0.86
N THR D 58 -8.29 -14.50 0.14
CA THR D 58 -9.66 -14.97 -0.02
C THR D 58 -10.62 -13.78 -0.04
N GLU D 59 -11.78 -13.99 -0.68
CA GLU D 59 -12.82 -12.98 -0.68
C GLU D 59 -13.40 -12.74 0.71
N SER D 60 -13.25 -13.68 1.63
CA SER D 60 -13.71 -13.49 2.99
C SER D 60 -12.78 -12.65 3.84
N ALA D 61 -11.67 -12.16 3.26
CA ALA D 61 -10.74 -11.28 3.95
C ALA D 61 -10.78 -9.91 3.30
N VAL D 62 -11.02 -8.88 4.11
CA VAL D 62 -11.13 -7.51 3.63
C VAL D 62 -10.01 -6.69 4.24
N GLY D 63 -9.34 -5.91 3.41
CA GLY D 63 -8.36 -4.95 3.89
C GLY D 63 -7.27 -5.59 4.71
N MET D 64 -7.13 -5.14 5.95
CA MET D 64 -6.06 -5.63 6.82
C MET D 64 -6.16 -7.12 7.12
N GLU D 65 -7.37 -7.68 7.01
CA GLU D 65 -7.57 -9.10 7.29
C GLU D 65 -6.90 -10.01 6.27
N ARG D 66 -6.42 -9.46 5.16
CA ARG D 66 -5.67 -10.23 4.18
C ARG D 66 -4.20 -10.38 4.53
N LEU D 67 -3.74 -9.73 5.60
CA LEU D 67 -2.34 -9.74 5.98
C LEU D 67 -2.05 -10.69 7.14
N LYS D 68 -2.97 -11.60 7.46
CA LYS D 68 -2.76 -12.57 8.51
C LYS D 68 -3.61 -13.80 8.24
N VAL D 69 -3.08 -14.97 8.58
CA VAL D 69 -3.82 -16.22 8.52
C VAL D 69 -4.06 -16.70 9.94
N ASP D 70 -5.26 -17.23 10.18
CA ASP D 70 -5.69 -17.65 11.51
C ASP D 70 -5.47 -19.15 11.67
N ILE D 71 -4.85 -19.54 12.78
CA ILE D 71 -4.70 -20.93 13.15
C ILE D 71 -5.78 -21.26 14.16
N SER D 72 -6.26 -22.50 14.10
CA SER D 72 -7.22 -23.00 15.06
C SER D 72 -6.75 -24.35 15.58
N ALA D 73 -7.41 -24.82 16.63
CA ALA D 73 -7.16 -26.17 17.12
C ALA D 73 -7.94 -27.15 16.27
N LEU D 74 -7.24 -28.12 15.69
CA LEU D 74 -7.85 -29.11 14.82
C LEU D 74 -8.02 -30.42 15.57
N THR D 75 -8.99 -31.22 15.11
CA THR D 75 -9.26 -32.53 15.69
C THR D 75 -8.68 -33.66 14.86
N ASP D 76 -7.85 -33.35 13.87
CA ASP D 76 -7.12 -34.33 13.08
C ASP D 76 -5.65 -33.96 13.09
N VAL D 77 -4.81 -34.92 12.74
CA VAL D 77 -3.37 -34.74 12.80
C VAL D 77 -2.82 -34.49 11.40
N ASP D 78 -1.69 -33.76 11.34
CA ASP D 78 -0.90 -33.56 10.13
C ASP D 78 -1.65 -32.75 9.06
N GLN D 79 -2.42 -31.75 9.49
CA GLN D 79 -3.28 -31.03 8.57
C GLN D 79 -2.58 -29.81 7.98
N LEU D 80 -2.90 -29.52 6.72
CA LEU D 80 -2.35 -28.37 6.02
C LEU D 80 -3.07 -27.10 6.43
N LEU D 81 -2.29 -26.05 6.68
CA LEU D 81 -2.84 -24.76 7.08
C LEU D 81 -3.00 -23.80 5.92
N PHE D 82 -1.94 -23.58 5.13
CA PHE D 82 -2.04 -22.67 4.00
C PHE D 82 -0.95 -22.97 2.99
N ASN D 83 -1.07 -22.33 1.83
CA ASN D 83 -0.09 -22.37 0.76
C ASN D 83 0.43 -20.97 0.49
N ILE D 84 1.61 -20.89 -0.11
CA ILE D 84 2.11 -19.62 -0.63
C ILE D 84 2.62 -19.83 -2.04
N PRO D 85 1.91 -19.32 -3.06
CA PRO D 85 2.47 -19.35 -4.42
C PRO D 85 3.71 -18.47 -4.51
N LEU D 86 4.85 -19.09 -4.80
CA LEU D 86 6.13 -18.42 -4.79
C LEU D 86 6.40 -17.61 -6.05
N ASP D 87 5.37 -17.32 -6.84
CA ASP D 87 5.52 -16.54 -8.07
C ASP D 87 5.87 -15.11 -7.71
N ILE D 88 7.13 -14.73 -7.91
CA ILE D 88 7.57 -13.37 -7.61
C ILE D 88 7.17 -12.41 -8.72
N GLN D 89 7.39 -12.82 -9.97
CA GLN D 89 7.11 -11.98 -11.12
C GLN D 89 5.66 -12.05 -11.56
N LEU D 90 4.78 -12.57 -10.71
CA LEU D 90 3.36 -12.66 -10.99
C LEU D 90 2.60 -12.11 -9.79
N ASP D 91 1.27 -12.08 -9.90
CA ASP D 91 0.45 -11.57 -8.82
C ASP D 91 0.09 -12.69 -7.85
N GLY D 92 0.21 -12.40 -6.56
CA GLY D 92 -0.07 -13.35 -5.52
C GLY D 92 0.30 -12.80 -4.17
N PRO D 93 0.39 -13.66 -3.16
CA PRO D 93 0.75 -13.20 -1.81
C PRO D 93 2.10 -12.50 -1.71
N LEU D 94 2.89 -12.48 -2.78
CA LEU D 94 4.21 -11.88 -2.76
C LEU D 94 4.32 -10.62 -3.62
N ARG D 95 3.24 -10.22 -4.28
CA ARG D 95 3.33 -9.16 -5.29
C ARG D 95 3.50 -7.79 -4.65
N ASN D 96 2.80 -7.54 -3.54
CA ASN D 96 2.77 -6.23 -2.91
C ASN D 96 3.76 -6.12 -1.75
N THR D 97 4.90 -6.76 -1.87
CA THR D 97 5.97 -6.63 -0.90
C THR D 97 7.06 -5.74 -1.48
N LEU D 98 8.03 -5.38 -0.65
CA LEU D 98 9.14 -4.57 -1.13
C LEU D 98 9.96 -5.34 -2.15
N VAL D 99 10.34 -6.57 -1.82
CA VAL D 99 11.09 -7.40 -2.77
C VAL D 99 10.28 -7.62 -4.04
N GLY D 100 8.98 -7.91 -3.90
CA GLY D 100 8.16 -8.15 -5.08
C GLY D 100 7.97 -6.92 -5.93
N ASN D 101 7.65 -5.79 -5.28
CA ASN D 101 7.44 -4.54 -6.02
C ASN D 101 8.71 -4.12 -6.76
N ILE D 102 9.84 -4.13 -6.06
CA ILE D 102 11.07 -3.67 -6.71
C ILE D 102 11.52 -4.66 -7.77
N SER D 103 11.26 -5.96 -7.57
CA SER D 103 11.65 -6.93 -8.57
C SER D 103 10.80 -6.85 -9.82
N ARG D 104 9.52 -6.47 -9.68
CA ARG D 104 8.68 -6.33 -10.85
C ARG D 104 9.04 -5.15 -11.72
N TYR D 105 10.04 -4.37 -11.33
CA TYR D 105 10.68 -3.39 -12.20
C TYR D 105 11.76 -4.01 -13.07
N TYR D 106 12.04 -5.30 -12.88
CA TYR D 106 13.12 -6.00 -13.56
C TYR D 106 12.59 -7.30 -14.11
N THR D 107 13.34 -7.87 -15.06
CA THR D 107 12.93 -9.09 -15.73
C THR D 107 13.55 -10.34 -15.13
N HIS D 108 14.82 -10.29 -14.77
CA HIS D 108 15.55 -11.43 -14.24
C HIS D 108 15.84 -11.23 -12.76
N TRP D 109 15.97 -12.34 -12.05
CA TRP D 109 16.32 -12.29 -10.64
C TRP D 109 17.05 -13.57 -10.25
N SER D 110 17.86 -13.45 -9.20
CA SER D 110 18.59 -14.57 -8.65
C SER D 110 18.78 -14.33 -7.17
N GLY D 111 19.08 -15.38 -6.43
CA GLY D 111 19.40 -15.27 -5.03
C GLY D 111 18.31 -15.85 -4.15
N SER D 112 18.64 -15.94 -2.86
CA SER D 112 17.80 -16.60 -1.88
C SER D 112 16.77 -15.65 -1.32
N LEU D 113 15.59 -16.19 -1.03
CA LEU D 113 14.53 -15.45 -0.37
C LEU D 113 14.46 -15.81 1.10
N GLU D 114 13.92 -14.89 1.88
CA GLU D 114 13.83 -15.01 3.33
C GLU D 114 12.37 -14.90 3.73
N MET D 115 11.85 -15.93 4.37
CA MET D 115 10.44 -16.00 4.75
C MET D 115 10.35 -16.10 6.25
N THR D 116 9.79 -15.07 6.88
CA THR D 116 9.68 -14.99 8.33
C THR D 116 8.21 -15.02 8.72
N PHE D 117 7.90 -15.74 9.79
CA PHE D 117 6.54 -15.83 10.32
C PHE D 117 6.56 -15.47 11.79
N MET D 118 5.66 -14.59 12.20
CA MET D 118 5.52 -14.18 13.58
C MET D 118 4.20 -14.72 14.13
N PHE D 119 4.25 -15.35 15.29
CA PHE D 119 3.07 -15.86 15.95
C PHE D 119 2.49 -14.77 16.85
N CYS D 120 1.27 -14.35 16.54
CA CYS D 120 0.62 -13.25 17.23
C CYS D 120 -0.59 -13.74 18.02
N GLY D 121 -0.43 -14.88 18.68
CA GLY D 121 -1.44 -15.40 19.58
C GLY D 121 -1.14 -15.04 21.02
N SER D 122 -1.83 -15.73 21.93
CA SER D 122 -1.69 -15.48 23.35
C SER D 122 -0.36 -16.02 23.86
N PHE D 123 0.03 -15.56 25.06
CA PHE D 123 1.19 -16.12 25.72
C PHE D 123 0.92 -17.56 26.15
N MET D 124 -0.29 -17.84 26.61
CA MET D 124 -0.67 -19.17 27.03
C MET D 124 -0.99 -20.11 25.86
N ALA D 125 -0.80 -19.64 24.62
CA ALA D 125 -1.03 -20.46 23.45
C ALA D 125 0.28 -21.14 23.04
N ALA D 126 0.17 -22.42 22.69
CA ALA D 126 1.34 -23.22 22.34
C ALA D 126 1.06 -23.97 21.04
N GLY D 127 2.12 -24.42 20.41
CA GLY D 127 1.98 -25.21 19.20
C GLY D 127 3.31 -25.42 18.53
N LYS D 128 3.29 -26.32 17.55
CA LYS D 128 4.42 -26.53 16.65
C LYS D 128 3.89 -26.62 15.23
N LEU D 129 4.56 -25.94 14.31
CA LEU D 129 4.26 -25.97 12.90
C LEU D 129 5.44 -26.52 12.14
N ILE D 130 5.25 -26.75 10.84
CA ILE D 130 6.35 -27.11 9.96
C ILE D 130 6.17 -26.38 8.63
N LEU D 131 7.11 -25.50 8.30
CA LEU D 131 7.08 -24.70 7.09
C LEU D 131 8.01 -25.34 6.07
N CYS D 132 7.46 -25.81 4.97
CA CYS D 132 8.20 -26.58 3.99
C CYS D 132 8.33 -25.80 2.69
N TYR D 133 9.43 -26.05 1.98
CA TYR D 133 9.65 -25.51 0.65
C TYR D 133 9.91 -26.65 -0.32
N THR D 134 9.17 -26.68 -1.42
CA THR D 134 9.28 -27.73 -2.42
C THR D 134 9.88 -27.15 -3.71
N PRO D 135 11.00 -27.66 -4.18
CA PRO D 135 11.53 -27.24 -5.48
C PRO D 135 10.58 -27.58 -6.60
N PRO D 136 10.69 -26.93 -7.75
CA PRO D 136 9.71 -27.12 -8.82
C PRO D 136 9.74 -28.52 -9.42
N GLY D 137 8.67 -28.85 -10.13
CA GLY D 137 8.60 -30.10 -10.85
C GLY D 137 7.29 -30.84 -10.74
N GLY D 138 6.63 -30.75 -9.59
CA GLY D 138 5.40 -31.49 -9.38
C GLY D 138 4.27 -30.65 -8.82
N SER D 139 3.31 -31.31 -8.17
CA SER D 139 2.19 -30.61 -7.57
C SER D 139 2.55 -30.11 -6.17
N CYS D 140 1.75 -29.17 -5.69
CA CYS D 140 1.91 -28.71 -4.32
C CYS D 140 1.61 -29.86 -3.36
N PRO D 141 2.46 -30.10 -2.37
CA PRO D 141 2.17 -31.15 -1.40
C PRO D 141 0.88 -30.86 -0.63
N THR D 142 0.00 -31.86 -0.58
CA THR D 142 -1.24 -31.76 0.18
C THR D 142 -1.23 -32.58 1.46
N THR D 143 -0.22 -33.40 1.68
CA THR D 143 -0.02 -34.12 2.94
C THR D 143 1.34 -33.77 3.50
N ARG D 144 1.49 -33.93 4.82
CA ARG D 144 2.73 -33.56 5.48
C ARG D 144 3.85 -34.55 5.17
N GLU D 145 3.52 -35.82 4.94
CA GLU D 145 4.52 -36.79 4.58
C GLU D 145 5.16 -36.50 3.22
N THR D 146 4.47 -35.76 2.37
CA THR D 146 5.00 -35.35 1.08
C THR D 146 5.78 -34.05 1.17
N ALA D 147 5.37 -33.16 2.07
CA ALA D 147 6.04 -31.87 2.20
C ALA D 147 7.32 -31.96 3.03
N MET D 148 7.37 -32.86 4.02
CA MET D 148 8.55 -33.00 4.85
C MET D 148 9.78 -33.40 4.06
N LEU D 149 9.64 -33.82 2.81
CA LEU D 149 10.77 -34.28 2.01
C LEU D 149 11.53 -33.15 1.35
N GLY D 150 11.05 -31.92 1.44
CA GLY D 150 11.76 -30.76 0.93
C GLY D 150 12.41 -29.96 2.04
N THR D 151 12.82 -28.74 1.67
CA THR D 151 13.43 -27.84 2.63
C THR D 151 12.39 -27.36 3.62
N HIS D 152 12.53 -27.75 4.89
CA HIS D 152 11.53 -27.42 5.89
C HIS D 152 12.21 -27.01 7.19
N ILE D 153 11.39 -26.51 8.10
CA ILE D 153 11.81 -26.25 9.48
C ILE D 153 10.61 -26.45 10.38
N VAL D 154 10.78 -27.29 11.39
CA VAL D 154 9.80 -27.42 12.47
C VAL D 154 10.11 -26.33 13.50
N TRP D 155 9.07 -25.62 13.94
CA TRP D 155 9.30 -24.59 14.93
C TRP D 155 8.18 -24.57 15.97
N ASP D 156 8.57 -24.35 17.21
CA ASP D 156 7.69 -24.36 18.37
C ASP D 156 7.50 -22.94 18.88
N PHE D 157 6.25 -22.52 19.05
CA PHE D 157 5.97 -21.21 19.61
C PHE D 157 6.56 -21.09 21.02
N GLY D 158 7.25 -19.99 21.28
CA GLY D 158 7.85 -19.75 22.58
C GLY D 158 8.11 -18.28 22.85
N LEU D 159 9.24 -17.97 23.48
CA LEU D 159 9.57 -16.58 23.72
C LEU D 159 9.95 -15.87 22.44
N GLN D 160 10.64 -16.56 21.54
CA GLN D 160 10.86 -16.06 20.18
C GLN D 160 9.66 -16.44 19.35
N SER D 161 8.83 -15.45 19.03
CA SER D 161 7.60 -15.71 18.29
C SER D 161 7.80 -15.72 16.79
N SER D 162 9.03 -15.74 16.33
CA SER D 162 9.35 -15.64 14.92
C SER D 162 10.29 -16.76 14.50
N VAL D 163 10.07 -17.29 13.31
CA VAL D 163 10.97 -18.26 12.70
C VAL D 163 11.20 -17.83 11.26
N THR D 164 12.32 -18.27 10.71
CA THR D 164 12.70 -17.95 9.34
C THR D 164 12.79 -19.23 8.52
N LEU D 165 12.17 -19.23 7.35
CA LEU D 165 12.29 -20.29 6.37
C LEU D 165 13.08 -19.75 5.19
N ILE D 166 14.34 -20.16 5.06
CA ILE D 166 15.14 -19.76 3.91
C ILE D 166 14.66 -20.53 2.70
N ILE D 167 14.31 -19.81 1.63
CA ILE D 167 14.07 -20.42 0.34
C ILE D 167 15.38 -20.33 -0.43
N PRO D 168 16.15 -21.41 -0.52
CA PRO D 168 17.48 -21.31 -1.12
C PRO D 168 17.39 -21.14 -2.62
N TRP D 169 18.45 -20.59 -3.19
CA TRP D 169 18.55 -20.51 -4.64
C TRP D 169 18.88 -21.90 -5.17
N ILE D 170 17.87 -22.63 -5.58
CA ILE D 170 18.03 -23.95 -6.20
C ILE D 170 17.47 -23.81 -7.61
N SER D 171 18.34 -23.45 -8.55
CA SER D 171 17.95 -23.26 -9.95
C SER D 171 18.97 -23.98 -10.83
N GLY D 172 18.59 -24.19 -12.08
CA GLY D 172 19.53 -24.70 -13.04
C GLY D 172 20.33 -23.59 -13.67
N SER D 173 19.66 -22.46 -13.89
CA SER D 173 20.27 -21.30 -14.51
C SER D 173 20.78 -20.33 -13.44
N HIS D 174 21.56 -19.36 -13.89
CA HIS D 174 22.01 -18.31 -12.98
C HIS D 174 20.85 -17.41 -12.55
N TYR D 175 19.88 -17.22 -13.43
CA TYR D 175 18.76 -16.32 -13.17
C TYR D 175 17.46 -17.02 -13.50
N ARG D 176 16.39 -16.50 -12.91
CA ARG D 176 15.03 -16.82 -13.30
C ARG D 176 14.41 -15.61 -13.97
N MET D 177 13.51 -15.84 -14.90
CA MET D 177 13.00 -14.75 -15.71
C MET D 177 11.48 -14.64 -15.55
N PHE D 178 10.89 -13.75 -16.33
CA PHE D 178 9.45 -13.53 -16.36
C PHE D 178 9.00 -13.55 -17.81
N ASN D 179 7.99 -14.37 -18.12
CA ASN D 179 7.40 -14.35 -19.45
C ASN D 179 5.89 -14.55 -19.40
N ASN D 180 5.27 -14.29 -18.25
CA ASN D 180 3.85 -14.43 -17.93
C ASN D 180 3.43 -15.88 -17.76
N ASP D 181 4.30 -16.86 -18.04
CA ASP D 181 3.95 -18.27 -17.91
C ASP D 181 4.34 -18.74 -16.51
N ALA D 182 3.35 -19.20 -15.74
CA ALA D 182 3.62 -19.62 -14.37
C ALA D 182 4.32 -20.97 -14.34
N LYS D 183 3.94 -21.88 -15.23
CA LYS D 183 4.48 -23.23 -15.26
C LYS D 183 5.71 -23.36 -16.15
N SER D 184 6.32 -22.25 -16.52
CA SER D 184 7.58 -22.29 -17.26
C SER D 184 8.70 -22.81 -16.37
N THR D 185 9.66 -23.49 -16.98
CA THR D 185 10.78 -24.01 -16.19
C THR D 185 11.75 -22.91 -15.80
N ASN D 186 11.83 -21.83 -16.57
CA ASN D 186 12.71 -20.71 -16.25
C ASN D 186 12.08 -19.72 -15.27
N ALA D 187 10.85 -19.97 -14.85
CA ALA D 187 10.12 -19.05 -13.98
C ALA D 187 9.66 -19.68 -12.68
N ASN D 188 9.23 -20.94 -12.71
CA ASN D 188 8.61 -21.55 -11.54
C ASN D 188 9.64 -21.77 -10.44
N VAL D 189 9.29 -21.35 -9.23
CA VAL D 189 10.20 -21.40 -8.09
C VAL D 189 9.87 -22.56 -7.14
N GLY D 190 8.66 -23.06 -7.16
CA GLY D 190 8.24 -24.08 -6.22
C GLY D 190 7.13 -23.58 -5.32
N TYR D 191 6.94 -24.25 -4.19
CA TYR D 191 5.81 -23.96 -3.31
C TYR D 191 6.29 -23.80 -1.88
N VAL D 192 5.44 -23.17 -1.08
CA VAL D 192 5.63 -23.11 0.37
C VAL D 192 4.33 -23.57 1.01
N THR D 193 4.41 -24.58 1.86
CA THR D 193 3.26 -25.11 2.55
C THR D 193 3.52 -25.10 4.05
N CYS D 194 2.48 -24.85 4.83
CA CYS D 194 2.55 -24.96 6.28
C CYS D 194 1.58 -26.03 6.74
N PHE D 195 2.09 -26.95 7.55
CA PHE D 195 1.27 -27.97 8.18
C PHE D 195 1.34 -27.81 9.69
N MET D 196 0.41 -28.46 10.37
CA MET D 196 0.46 -28.57 11.82
C MET D 196 1.43 -29.67 12.19
N GLN D 197 2.45 -29.35 12.99
CA GLN D 197 3.35 -30.39 13.46
C GLN D 197 2.71 -31.18 14.59
N THR D 198 2.24 -30.52 15.64
CA THR D 198 1.47 -31.18 16.67
C THR D 198 0.03 -30.68 16.72
N ASN D 199 -0.20 -29.44 17.14
CA ASN D 199 -1.52 -28.84 17.25
C ASN D 199 -1.37 -27.45 17.84
N LEU D 200 -2.47 -26.72 17.90
CA LEU D 200 -2.55 -25.44 18.61
C LEU D 200 -3.40 -25.65 19.85
N ILE D 201 -2.74 -25.66 21.02
CA ILE D 201 -3.40 -25.92 22.29
C ILE D 201 -3.45 -24.60 23.05
N VAL D 202 -4.64 -24.05 23.21
CA VAL D 202 -4.85 -22.83 23.98
C VAL D 202 -5.73 -23.15 25.18
N PRO D 203 -5.63 -22.40 26.29
CA PRO D 203 -6.56 -22.61 27.40
C PRO D 203 -7.96 -22.12 27.08
N SER D 204 -8.91 -22.35 27.99
CA SER D 204 -10.27 -21.92 27.77
C SER D 204 -10.48 -20.43 28.02
N GLU D 205 -9.44 -19.72 28.44
CA GLU D 205 -9.53 -18.30 28.72
C GLU D 205 -8.76 -17.47 27.70
N SER D 206 -8.07 -18.12 26.78
CA SER D 206 -7.43 -17.49 25.64
C SER D 206 -8.30 -17.64 24.40
N SER D 207 -8.12 -16.74 23.45
CA SER D 207 -8.84 -16.83 22.19
C SER D 207 -8.41 -18.10 21.44
N ASP D 208 -9.40 -18.89 21.02
CA ASP D 208 -9.10 -20.18 20.41
C ASP D 208 -8.54 -20.04 18.99
N THR D 209 -8.66 -18.87 18.38
CA THR D 209 -8.13 -18.61 17.06
C THR D 209 -6.95 -17.67 17.19
N CYS D 210 -5.80 -18.07 16.64
CA CYS D 210 -4.58 -17.28 16.72
C CYS D 210 -4.03 -17.05 15.32
N SER D 211 -3.32 -15.95 15.15
CA SER D 211 -2.91 -15.47 13.84
C SER D 211 -1.40 -15.58 13.65
N LEU D 212 -1.01 -15.85 12.42
CA LEU D 212 0.37 -15.71 11.96
C LEU D 212 0.45 -14.52 11.03
N ILE D 213 1.57 -13.81 11.09
CA ILE D 213 1.90 -12.80 10.09
C ILE D 213 3.15 -13.27 9.37
N GLY D 214 3.07 -13.34 8.05
CA GLY D 214 4.19 -13.77 7.22
C GLY D 214 4.90 -12.57 6.61
N PHE D 215 6.22 -12.64 6.59
CA PHE D 215 7.07 -11.63 6.02
C PHE D 215 7.97 -12.26 4.97
N ILE D 216 8.38 -11.47 4.00
CA ILE D 216 9.28 -11.94 2.95
C ILE D 216 10.33 -10.86 2.71
N ALA D 217 11.59 -11.30 2.60
CA ALA D 217 12.69 -10.41 2.30
C ALA D 217 13.61 -11.12 1.32
N ALA D 218 14.76 -10.52 1.07
CA ALA D 218 15.79 -11.10 0.22
C ALA D 218 17.12 -11.05 0.96
N LYS D 219 17.97 -12.03 0.70
CA LYS D 219 19.28 -12.09 1.34
C LYS D 219 20.27 -11.24 0.54
N ASP D 220 21.51 -11.19 1.01
CA ASP D 220 22.52 -10.36 0.38
C ASP D 220 23.11 -10.97 -0.88
N ASP D 221 22.67 -12.17 -1.28
CA ASP D 221 23.08 -12.78 -2.52
C ASP D 221 22.05 -12.61 -3.62
N PHE D 222 21.08 -11.73 -3.42
CA PHE D 222 19.98 -11.50 -4.34
C PHE D 222 20.37 -10.41 -5.33
N SER D 223 19.86 -10.52 -6.55
CA SER D 223 20.18 -9.57 -7.61
C SER D 223 19.06 -9.55 -8.63
N LEU D 224 19.09 -8.54 -9.50
CA LEU D 224 18.02 -8.26 -10.46
C LEU D 224 18.65 -7.74 -11.76
N ARG D 225 17.93 -7.92 -12.86
CA ARG D 225 18.44 -7.52 -14.18
C ARG D 225 17.31 -7.08 -15.09
N LEU D 226 17.68 -6.25 -16.09
CA LEU D 226 16.86 -5.91 -17.24
C LEU D 226 15.57 -5.19 -16.83
N MET D 227 15.75 -3.94 -16.39
CA MET D 227 14.64 -3.10 -15.95
C MET D 227 13.48 -3.08 -16.93
N ARG D 228 12.27 -3.02 -16.37
CA ARG D 228 10.99 -3.03 -17.06
C ARG D 228 10.21 -1.75 -16.77
N ASP D 229 8.94 -1.73 -17.16
CA ASP D 229 8.04 -0.62 -16.87
C ASP D 229 6.94 -0.97 -15.88
N SER D 230 7.16 -1.93 -14.98
CA SER D 230 6.32 -2.08 -13.80
C SER D 230 4.83 -2.22 -14.07
N PRO D 231 4.33 -3.42 -14.37
CA PRO D 231 2.90 -3.58 -14.66
C PRO D 231 1.99 -3.23 -13.49
N ASP D 232 2.57 -2.73 -12.39
CA ASP D 232 1.84 -2.42 -11.18
C ASP D 232 1.26 -1.01 -11.16
N ILE D 233 1.35 -0.27 -12.26
CA ILE D 233 0.78 1.07 -12.35
C ILE D 233 0.42 1.31 -13.81
N GLY D 234 -0.51 2.23 -14.03
CA GLY D 234 -0.91 2.58 -15.38
C GLY D 234 -2.10 3.50 -15.43
N GLN D 235 -2.22 4.27 -16.50
CA GLN D 235 -3.32 5.20 -16.67
C GLN D 235 -3.92 5.04 -18.06
N LEU D 236 -5.25 5.17 -18.14
CA LEU D 236 -5.94 5.19 -19.42
C LEU D 236 -6.34 6.60 -19.84
N ASP D 237 -6.04 7.60 -19.02
CA ASP D 237 -6.40 8.98 -19.32
C ASP D 237 -5.50 9.89 -18.53
N HIS D 238 -5.59 11.19 -18.82
CA HIS D 238 -4.86 12.18 -18.05
C HIS D 238 -5.47 12.31 -16.67
N LEU D 239 -4.63 12.63 -15.69
CA LEU D 239 -5.09 12.78 -14.32
C LEU D 239 -5.89 14.07 -14.19
N HIS D 240 -6.33 14.34 -12.96
CA HIS D 240 -7.34 15.39 -12.74
C HIS D 240 -6.83 16.76 -13.18
N ALA D 241 -5.76 17.24 -12.54
CA ALA D 241 -5.28 18.59 -12.81
C ALA D 241 -4.40 18.60 -14.06
N ALA D 242 -4.80 19.39 -15.05
CA ALA D 242 -4.06 19.58 -16.31
C ALA D 242 -3.82 21.06 -16.48
N GLU D 243 -2.76 21.57 -15.86
CA GLU D 243 -2.44 22.99 -15.90
C GLU D 243 -0.94 23.14 -16.11
N ALA D 244 -0.56 23.79 -17.22
CA ALA D 244 -1.53 24.21 -18.22
C ALA D 244 -1.22 23.55 -19.55
N ALA D 245 -0.61 22.37 -19.46
CA ALA D 245 -0.16 21.64 -20.64
C ALA D 245 0.19 20.22 -20.25
N ILE E 29 33.21 12.58 -22.22
CA ILE E 29 33.41 13.82 -22.95
C ILE E 29 32.58 14.94 -22.37
N ASN E 30 33.22 15.88 -21.67
CA ASN E 30 32.54 17.01 -21.06
C ASN E 30 33.34 18.28 -21.36
N PHE E 31 32.88 19.04 -22.35
CA PHE E 31 33.49 20.32 -22.69
C PHE E 31 32.69 21.50 -22.20
N TYR E 32 31.74 21.27 -21.29
CA TYR E 32 30.99 22.34 -20.67
C TYR E 32 31.70 22.83 -19.42
N LYS E 33 31.45 24.08 -19.07
CA LYS E 33 32.09 24.70 -17.92
C LYS E 33 31.37 24.43 -16.61
N ASP E 34 30.21 23.80 -16.66
CA ASP E 34 29.43 23.47 -15.47
C ASP E 34 29.56 21.99 -15.16
N SER E 35 29.64 21.67 -13.86
CA SER E 35 29.84 20.30 -13.43
C SER E 35 28.56 19.48 -13.53
N TYR E 36 27.40 20.10 -13.35
CA TYR E 36 26.16 19.35 -13.43
C TYR E 36 25.80 18.98 -14.86
N ALA E 37 26.47 19.56 -15.85
CA ALA E 37 26.24 19.18 -17.23
C ALA E 37 26.85 17.83 -17.57
N ALA E 38 27.70 17.28 -16.70
CA ALA E 38 28.34 16.00 -16.92
C ALA E 38 27.31 14.89 -17.03
N SER E 39 27.79 13.71 -17.42
CA SER E 39 26.92 12.55 -17.58
C SER E 39 26.74 11.84 -16.25
N ALA E 40 25.75 10.95 -16.22
CA ALA E 40 25.33 10.29 -14.99
C ALA E 40 26.49 9.56 -14.31
N SER E 41 26.34 9.36 -13.00
CA SER E 41 27.39 8.83 -12.14
C SER E 41 27.04 7.37 -11.79
N LYS E 42 27.50 6.45 -12.63
CA LYS E 42 27.15 5.04 -12.51
C LYS E 42 28.20 4.21 -11.78
N GLN E 43 28.93 4.81 -10.86
CA GLN E 43 30.04 4.11 -10.19
C GLN E 43 30.05 4.34 -8.68
N ASP E 44 28.90 4.25 -8.03
CA ASP E 44 28.80 4.45 -6.58
C ASP E 44 28.32 3.14 -5.97
N PHE E 45 29.27 2.25 -5.66
CA PHE E 45 28.98 0.90 -5.21
C PHE E 45 29.03 0.76 -3.70
N SER E 46 29.08 1.86 -2.97
CA SER E 46 29.01 1.80 -1.52
C SER E 46 27.55 1.65 -1.07
N GLN E 47 27.36 0.90 0.01
CA GLN E 47 26.01 0.74 0.54
C GLN E 47 26.07 0.25 1.97
N ASP E 48 25.06 0.62 2.74
CA ASP E 48 24.90 0.19 4.14
C ASP E 48 23.47 -0.29 4.32
N PRO E 49 23.23 -1.59 4.15
CA PRO E 49 21.86 -2.10 4.32
C PRO E 49 21.42 -2.22 5.76
N SER E 50 22.35 -2.22 6.72
CA SER E 50 21.98 -2.25 8.13
C SER E 50 21.29 -0.97 8.56
N LYS E 51 21.42 0.09 7.78
CA LYS E 51 20.68 1.32 8.03
C LYS E 51 19.18 1.08 8.04
N PHE E 52 18.71 0.06 7.33
CA PHE E 52 17.30 -0.29 7.28
C PHE E 52 16.98 -1.66 7.86
N THR E 53 17.91 -2.62 7.78
CA THR E 53 17.58 -3.99 8.20
C THR E 53 17.79 -4.22 9.68
N GLU E 54 18.78 -3.58 10.29
CA GLU E 54 18.98 -3.64 11.74
C GLU E 54 19.25 -2.23 12.26
N PRO E 55 18.22 -1.40 12.37
CA PRO E 55 18.41 -0.07 12.97
C PRO E 55 18.30 -0.11 14.48
N VAL E 56 18.43 -1.31 15.05
CA VAL E 56 18.41 -1.50 16.50
C VAL E 56 19.69 -0.95 17.10
N VAL E 57 19.72 -0.83 18.42
CA VAL E 57 20.83 -0.20 19.12
C VAL E 57 21.85 -1.23 19.62
N GLU E 58 21.81 -2.44 19.06
CA GLU E 58 22.78 -3.47 19.42
C GLU E 58 24.02 -3.39 18.52
N VAL F 2 -23.48 -23.73 11.35
CA VAL F 2 -23.83 -25.08 11.80
C VAL F 2 -25.01 -25.00 12.78
N GLN F 3 -25.07 -23.92 13.54
CA GLN F 3 -26.20 -23.69 14.45
C GLN F 3 -26.26 -22.21 14.76
N LEU F 4 -27.42 -21.59 14.50
CA LEU F 4 -27.63 -20.17 14.70
C LEU F 4 -29.01 -19.93 15.29
N VAL F 5 -29.10 -19.05 16.28
CA VAL F 5 -30.35 -18.77 16.99
C VAL F 5 -30.44 -17.26 17.23
N GLU F 6 -31.52 -16.64 16.75
CA GLU F 6 -31.75 -15.20 16.90
C GLU F 6 -32.69 -14.93 18.08
N SER F 7 -32.84 -13.65 18.42
CA SER F 7 -33.64 -13.26 19.59
C SER F 7 -34.13 -11.83 19.46
N GLY F 8 -35.40 -11.64 19.11
CA GLY F 8 -35.99 -10.30 19.12
C GLY F 8 -37.30 -10.13 18.40
N GLY F 9 -38.09 -9.11 18.75
CA GLY F 9 -39.28 -8.78 18.00
C GLY F 9 -40.46 -8.14 18.74
N GLY F 10 -41.04 -7.11 18.14
CA GLY F 10 -42.27 -6.51 18.64
C GLY F 10 -42.11 -5.22 19.42
N LEU F 11 -42.37 -4.07 18.79
CA LEU F 11 -42.13 -2.78 19.43
C LEU F 11 -42.80 -1.66 18.64
N VAL F 12 -42.82 -0.48 19.26
CA VAL F 12 -43.54 0.70 18.76
C VAL F 12 -42.82 1.29 17.56
N LYS F 13 -43.49 2.23 16.88
CA LYS F 13 -43.05 2.65 15.55
C LYS F 13 -41.63 3.18 15.52
N PRO F 14 -41.27 4.26 16.21
CA PRO F 14 -39.93 4.84 16.05
C PRO F 14 -38.87 4.31 17.01
N GLY F 15 -39.10 3.19 17.68
CA GLY F 15 -38.16 2.69 18.67
C GLY F 15 -36.91 2.02 18.11
N GLY F 16 -36.32 1.13 18.91
CA GLY F 16 -35.12 0.42 18.52
C GLY F 16 -35.00 -0.87 19.30
N LEU F 17 -34.11 -1.74 18.83
CA LEU F 17 -33.93 -3.05 19.46
C LEU F 17 -32.66 -3.69 18.92
N ARG F 18 -32.24 -4.77 19.59
CA ARG F 18 -31.09 -5.57 19.22
C ARG F 18 -31.54 -7.00 18.96
N LEU F 19 -30.92 -7.66 17.98
CA LEU F 19 -31.36 -9.00 17.57
C LEU F 19 -30.52 -10.14 18.15
N SER F 20 -29.20 -9.98 18.24
CA SER F 20 -28.38 -10.84 19.10
C SER F 20 -28.51 -12.32 18.71
N CYS F 21 -27.99 -12.65 17.53
CA CYS F 21 -27.87 -14.04 17.12
C CYS F 21 -26.68 -14.70 17.82
N ALA F 22 -26.74 -16.03 17.92
CA ALA F 22 -25.73 -16.80 18.65
C ALA F 22 -25.38 -18.06 17.87
N ALA F 23 -24.09 -18.31 17.70
CA ALA F 23 -23.58 -19.41 16.90
C ALA F 23 -22.78 -20.35 17.79
N SER F 24 -22.88 -21.66 17.51
CA SER F 24 -22.29 -22.66 18.40
C SER F 24 -21.49 -23.75 17.69
N GLY F 25 -21.75 -24.05 16.42
CA GLY F 25 -21.18 -25.23 15.82
C GLY F 25 -19.88 -25.06 15.08
N PHE F 26 -19.18 -23.95 15.24
CA PHE F 26 -17.99 -23.67 14.45
C PHE F 26 -17.14 -22.64 15.19
N THR F 27 -16.04 -22.24 14.56
CA THR F 27 -15.10 -21.33 15.20
C THR F 27 -15.72 -19.97 15.46
N PHE F 28 -16.40 -19.41 14.45
CA PHE F 28 -17.11 -18.14 14.41
C PHE F 28 -16.14 -16.96 14.27
N SER F 29 -14.85 -17.17 14.46
CA SER F 29 -13.92 -16.03 14.33
C SER F 29 -13.26 -16.04 12.94
N THR F 30 -13.72 -16.92 12.05
CA THR F 30 -13.16 -17.06 10.72
C THR F 30 -14.17 -16.84 9.62
N TYR F 31 -15.44 -16.59 9.97
CA TYR F 31 -16.51 -16.47 8.99
C TYR F 31 -17.10 -15.07 9.03
N ILE F 32 -17.76 -14.70 7.93
CA ILE F 32 -18.43 -13.41 7.80
C ILE F 32 -19.92 -13.64 8.03
N MET F 33 -20.48 -12.93 9.00
CA MET F 33 -21.88 -13.10 9.38
C MET F 33 -22.73 -11.99 8.78
N THR F 34 -23.87 -12.38 8.22
CA THR F 34 -24.77 -11.45 7.56
C THR F 34 -26.16 -11.48 8.19
N TRP F 35 -26.95 -10.46 7.86
CA TRP F 35 -28.35 -10.37 8.24
C TRP F 35 -29.18 -10.19 6.98
N VAL F 36 -30.36 -10.80 6.95
CA VAL F 36 -31.25 -10.75 5.80
C VAL F 36 -32.68 -10.71 6.30
N ARG F 37 -33.47 -9.75 5.80
CA ARG F 37 -34.86 -9.60 6.19
C ARG F 37 -35.77 -10.15 5.10
N GLN F 38 -36.94 -10.64 5.50
CA GLN F 38 -37.91 -11.19 4.58
C GLN F 38 -38.98 -10.17 4.17
N ALA F 39 -39.45 -9.36 5.12
CA ALA F 39 -40.37 -8.25 4.83
C ALA F 39 -41.61 -8.71 4.08
N PRO F 40 -42.57 -9.34 4.77
CA PRO F 40 -43.70 -10.00 4.08
C PRO F 40 -44.35 -9.11 3.02
N GLY F 41 -44.67 -9.72 1.88
CA GLY F 41 -45.06 -8.99 0.70
C GLY F 41 -43.92 -8.59 -0.20
N ARG F 42 -42.74 -8.36 0.36
CA ARG F 42 -41.52 -8.11 -0.39
C ARG F 42 -40.64 -9.34 -0.39
N GLY F 43 -39.71 -9.38 -1.34
CA GLY F 43 -38.77 -10.48 -1.42
C GLY F 43 -37.59 -10.30 -0.50
N LEU F 44 -36.75 -11.34 -0.46
CA LEU F 44 -35.51 -11.30 0.31
C LEU F 44 -34.69 -10.07 -0.03
N GLU F 45 -34.11 -9.45 0.98
CA GLU F 45 -33.13 -8.41 0.75
C GLU F 45 -32.07 -8.43 1.85
N TRP F 46 -30.82 -8.48 1.42
CA TRP F 46 -29.69 -8.49 2.35
C TRP F 46 -29.61 -7.19 3.11
N VAL F 47 -29.33 -7.28 4.40
CA VAL F 47 -29.37 -6.13 5.30
C VAL F 47 -27.97 -5.63 5.64
N SER F 48 -27.09 -6.51 6.09
CA SER F 48 -25.78 -6.09 6.55
C SER F 48 -24.85 -7.28 6.65
N SER F 49 -23.56 -6.98 6.71
CA SER F 49 -22.50 -7.96 6.89
C SER F 49 -21.44 -7.37 7.80
N ILE F 50 -20.67 -8.25 8.45
CA ILE F 50 -19.58 -7.82 9.30
C ILE F 50 -18.44 -8.82 9.15
N SER F 51 -17.23 -8.31 9.01
CA SER F 51 -16.08 -9.18 8.79
C SER F 51 -15.58 -9.74 10.11
N THR F 52 -14.67 -10.70 9.99
CA THR F 52 -14.17 -11.42 11.18
C THR F 52 -13.51 -10.47 12.16
N SER F 53 -12.73 -9.52 11.66
CA SER F 53 -12.02 -8.57 12.51
C SER F 53 -12.90 -7.45 13.03
N SER F 54 -14.14 -7.36 12.54
CA SER F 54 -15.11 -6.34 12.92
C SER F 54 -14.69 -4.94 12.50
N VAL F 55 -13.71 -4.83 11.60
CA VAL F 55 -13.28 -3.52 11.11
C VAL F 55 -14.08 -3.09 9.87
N TYR F 56 -14.69 -4.03 9.15
CA TYR F 56 -15.36 -3.74 7.90
C TYR F 56 -16.83 -4.17 8.01
N THR F 57 -17.73 -3.25 7.71
CA THR F 57 -19.17 -3.46 7.79
C THR F 57 -19.80 -2.98 6.50
N PHE F 58 -21.00 -3.48 6.20
CA PHE F 58 -21.37 -3.26 4.80
C PHE F 58 -22.73 -2.59 4.57
N TYR F 59 -23.75 -2.90 5.37
CA TYR F 59 -24.88 -1.99 5.49
C TYR F 59 -25.61 -1.64 4.20
N ALA F 60 -26.45 -2.55 3.69
CA ALA F 60 -27.28 -2.29 2.52
C ALA F 60 -27.79 -0.85 2.49
N ASP F 61 -27.73 -0.25 1.31
CA ASP F 61 -27.88 1.20 1.18
C ASP F 61 -29.31 1.66 1.45
N SER F 62 -30.30 0.79 1.20
CA SER F 62 -31.70 1.13 1.47
C SER F 62 -31.86 1.74 2.86
N LEU F 63 -31.58 0.95 3.89
CA LEU F 63 -31.46 1.47 5.23
C LEU F 63 -30.20 2.32 5.32
N LYS F 64 -30.35 3.58 5.76
CA LYS F 64 -29.27 4.55 5.61
C LYS F 64 -28.22 4.38 6.71
N GLY F 65 -28.59 4.67 7.95
CA GLY F 65 -27.66 4.56 9.06
C GLY F 65 -28.35 4.07 10.31
N ARG F 66 -29.57 3.57 10.13
CA ARG F 66 -30.39 3.15 11.25
C ARG F 66 -29.93 1.84 11.87
N PHE F 67 -29.11 1.05 11.18
CA PHE F 67 -28.64 -0.23 11.70
C PHE F 67 -27.15 -0.14 12.00
N THR F 68 -26.69 -0.98 12.92
CA THR F 68 -25.27 -1.01 13.30
C THR F 68 -24.92 -2.45 13.66
N ILE F 69 -24.42 -3.20 12.68
CA ILE F 69 -24.07 -4.59 12.90
C ILE F 69 -22.87 -4.68 13.82
N SER F 70 -22.89 -5.64 14.74
CA SER F 70 -21.83 -5.83 15.71
C SER F 70 -21.38 -7.28 15.67
N ARG F 71 -20.50 -7.64 16.59
CA ARG F 71 -19.85 -8.94 16.58
C ARG F 71 -19.12 -9.11 17.90
N ASP F 72 -19.11 -10.34 18.41
CA ASP F 72 -18.35 -10.66 19.62
C ASP F 72 -17.79 -12.07 19.45
N ASN F 73 -16.53 -12.15 19.03
CA ASN F 73 -15.91 -13.45 18.80
C ASN F 73 -15.70 -14.23 20.09
N ALA F 74 -15.68 -13.55 21.24
CA ALA F 74 -15.49 -14.26 22.50
C ALA F 74 -16.77 -14.96 22.94
N LYS F 75 -17.93 -14.37 22.66
CA LYS F 75 -19.20 -15.01 22.98
C LYS F 75 -19.89 -15.63 21.76
N ASN F 76 -19.27 -15.55 20.58
CA ASN F 76 -19.78 -16.20 19.37
C ASN F 76 -21.15 -15.66 18.97
N SER F 77 -21.35 -14.36 19.16
CA SER F 77 -22.64 -13.74 18.92
C SER F 77 -22.48 -12.59 17.93
N VAL F 78 -23.61 -12.18 17.36
CA VAL F 78 -23.67 -11.10 16.38
C VAL F 78 -24.99 -10.37 16.56
N TYR F 79 -24.95 -9.04 16.47
CA TYR F 79 -26.07 -8.18 16.82
C TYR F 79 -26.37 -7.22 15.69
N LEU F 80 -27.58 -6.67 15.71
CA LEU F 80 -27.98 -5.66 14.73
C LEU F 80 -28.13 -4.27 15.31
N GLN F 81 -28.84 -4.12 16.43
CA GLN F 81 -29.12 -2.80 17.01
C GLN F 81 -29.76 -1.88 15.97
N MET F 82 -30.97 -2.26 15.56
CA MET F 82 -31.77 -1.42 14.69
C MET F 82 -32.23 -0.17 15.44
N ASN F 83 -32.01 0.99 14.83
CA ASN F 83 -32.33 2.27 15.46
C ASN F 83 -33.37 3.00 14.63
N SER F 84 -34.17 3.83 15.31
CA SER F 84 -35.21 4.64 14.68
C SER F 84 -36.08 3.82 13.73
N LEU F 85 -36.67 2.77 14.30
CA LEU F 85 -37.46 1.82 13.51
C LEU F 85 -38.58 2.52 12.76
N ARG F 86 -39.08 1.83 11.73
CA ARG F 86 -40.26 2.26 11.00
C ARG F 86 -41.15 1.05 10.77
N ALA F 87 -42.40 1.31 10.37
CA ALA F 87 -43.30 0.21 10.07
C ALA F 87 -42.84 -0.56 8.84
N ASP F 88 -42.05 0.09 7.97
CA ASP F 88 -41.48 -0.60 6.81
C ASP F 88 -40.46 -1.66 7.22
N ASP F 89 -39.92 -1.56 8.43
CA ASP F 89 -38.91 -2.49 8.92
C ASP F 89 -39.51 -3.74 9.54
N THR F 90 -40.82 -3.93 9.46
CA THR F 90 -41.43 -5.16 9.93
C THR F 90 -41.04 -6.31 9.00
N ALA F 91 -40.38 -7.32 9.56
CA ALA F 91 -39.83 -8.39 8.74
C ALA F 91 -39.45 -9.56 9.64
N VAL F 92 -39.08 -10.66 8.99
CA VAL F 92 -38.39 -11.77 9.65
C VAL F 92 -36.91 -11.61 9.32
N TYR F 93 -36.08 -11.52 10.35
CA TYR F 93 -34.66 -11.30 10.19
C TYR F 93 -33.91 -12.60 10.46
N TYR F 94 -33.23 -13.11 9.45
CA TYR F 94 -32.38 -14.28 9.56
C TYR F 94 -30.92 -13.86 9.63
N CYS F 95 -30.13 -14.60 10.39
CA CYS F 95 -28.68 -14.47 10.38
C CYS F 95 -28.08 -15.65 9.65
N ALA F 96 -27.11 -15.38 8.79
CA ALA F 96 -26.47 -16.40 8.00
C ALA F 96 -24.96 -16.36 8.21
N ARG F 97 -24.32 -17.45 7.82
CA ARG F 97 -22.88 -17.60 7.89
C ARG F 97 -22.35 -17.73 6.47
N GLU F 98 -21.43 -16.85 6.08
CA GLU F 98 -20.83 -16.93 4.76
C GLU F 98 -19.77 -18.02 4.73
N GLU F 99 -19.63 -18.65 3.57
CA GLU F 99 -18.81 -19.86 3.43
C GLU F 99 -17.54 -19.61 2.61
N GLY F 100 -16.91 -18.46 2.80
CA GLY F 100 -15.65 -18.16 2.16
C GLY F 100 -15.76 -17.30 0.93
N PHE F 101 -16.97 -17.11 0.41
CA PHE F 101 -17.22 -16.22 -0.72
C PHE F 101 -18.35 -15.28 -0.34
N ARG F 102 -18.32 -14.08 -0.92
CA ARG F 102 -19.39 -13.13 -0.66
C ARG F 102 -20.70 -13.64 -1.25
N ALA F 103 -21.79 -13.45 -0.51
CA ALA F 103 -23.15 -13.84 -0.86
C ALA F 103 -23.37 -15.34 -0.85
N TYR F 104 -22.41 -16.12 -0.39
CA TYR F 104 -22.50 -17.58 -0.39
C TYR F 104 -22.83 -18.02 1.03
N ASN F 105 -24.13 -18.09 1.32
CA ASN F 105 -24.65 -18.48 2.62
C ASN F 105 -25.22 -19.88 2.54
N LEU F 106 -24.66 -20.80 3.32
CA LEU F 106 -25.12 -22.17 3.36
C LEU F 106 -25.86 -22.52 4.65
N TYR F 107 -25.57 -21.82 5.74
CA TYR F 107 -26.22 -22.05 7.02
C TYR F 107 -26.97 -20.80 7.43
N TRP F 108 -28.24 -20.96 7.80
CA TRP F 108 -29.09 -19.85 8.18
C TRP F 108 -29.66 -20.06 9.57
N GLY F 109 -29.98 -18.96 10.24
CA GLY F 109 -30.72 -19.02 11.47
C GLY F 109 -32.17 -19.38 11.22
N GLN F 110 -32.94 -19.43 12.31
CA GLN F 110 -34.35 -19.75 12.18
C GLN F 110 -35.18 -18.52 11.84
N GLY F 111 -34.72 -17.33 12.23
CA GLY F 111 -35.42 -16.10 11.96
C GLY F 111 -36.20 -15.58 13.15
N THR F 112 -36.15 -14.27 13.38
CA THR F 112 -36.97 -13.62 14.39
C THR F 112 -37.84 -12.57 13.73
N LEU F 113 -39.13 -12.61 14.04
CA LEU F 113 -40.10 -11.66 13.50
C LEU F 113 -40.06 -10.39 14.33
N VAL F 114 -39.69 -9.28 13.70
CA VAL F 114 -39.66 -7.97 14.34
C VAL F 114 -40.82 -7.18 13.76
N THR F 115 -41.84 -6.92 14.58
CA THR F 115 -43.06 -6.27 14.14
C THR F 115 -43.10 -4.85 14.68
N VAL F 116 -43.26 -3.89 13.78
CA VAL F 116 -43.26 -2.49 14.16
C VAL F 116 -44.64 -1.88 13.99
#